data_8IF6
#
_entry.id   8IF6
#
loop_
_entity.id
_entity.type
_entity.pdbx_description
1 polymer 'F-box/LRR-repeat MAX2 homolog'
2 polymer 'Strigolactone esterase D14'
3 polymer 'SKP1-like protein 20'
#
loop_
_entity_poly.entity_id
_entity_poly.type
_entity_poly.pdbx_seq_one_letter_code
_entity_poly.pdbx_strand_id
1 'polypeptide(L)'
;MAEEEEVEEGRSSSSAILDLPEPLLLHILSFLTDVRSRHRAALACGRMRAAERATRSELSLRGDPRSPGFLFLSHAFRFP
ALEHLDLSLVSPWGHPLLSSVPPCGGGGGGAPSASSSSGMNVYHPEAISEQNAFIAARLAGCFPAVTSLAVYCRDPTTLA
NLTPHWQASLRRVKLVRWHQRPPTLPDGADLEPLLETCAALRELDLSEFYCWTEDVVRALTTHPSATAALTHLDLGLAAA
TDGFKSSELGPIAASCPNLRKLVAPCLFNPRFSDCVGDDALLSLATSCPRLTVLRLSEPFEAAANIQREEAAITVAGLVA
FFAALPALEDFTMDLQHNVLEAAPAMEALARRCPRIKFLTLGSFQGLCKASWLHLDGVAVCGGLESLYMKNCQDLTDASL
AAIGRGCRRLAKFGIHGCDLVTSAGIRRLAFTLRPTLKEVTVLHCRLLHTAECLTALSPIRDRIESLEINCVWNTTEQPC
SVANGTTTECDPEDDELGEVYESAAKKCRYMEFDDLGSWEMLRSLSLWFSAGQLLSPLISAGLDSCPVLEEISIKVEGDC
RTCPRPAPRTIFGLSDLAGFPVLAKMKLDLSEAVGYALTAPTGQMDLSLWERFYLHGIESLQTLYELDYWPPQDKDVHHR
SLTLPAVGLIQRCVGLRKLFIHGTTHEHFMTFFLSIPNLRDMQLREDYYPAPENDLMFTEMRAESWLRFEVQLNSRQIDD
;
A
2 'polypeptide(L)'
;MLRSTHPPPSSPSSSSSGGGGGGGSSASSSSEKTMVGGGGGGGGGSGSAAPSGAKLLQILNVRVVGSGERVVVLSHGFGT
DQSAWSRVLPYLTRDHRVVLYDLVCAGSVNPDHFDFRRYDNLDAYVDDLLAILDALRIPRCAFVGHSVSAMIGILASIRR
PDLFAKLVLIGASPRFLNDSDYHGGFELEEIQQVFDAMGANYSAWATGYAPLAVGADVPAAVQEFSRTLFNMRPDISLHV
CQTVFKTDLRGVLGMVRAPCVVVQTTRDVSVPASVAAYLKAHLGGRTTVEFLQTEGHLPHLSAPSLLAQVLRRALARY
;
C
3 'polypeptide(L)'
;MAAEAETKAMITLRSCEGQVFEVAEAVAMESQTIRHMIEDKCADTGIPLPNVSAKILSKVIEYCSKHVEARGGAAAAADG
DAPAPAAVEANKAVEDELKTFDAEFVKVDQSTLFDLILAANYLNIKGLLDLTCQTVADMIKGKTPEEIRKTFNIKNDFTP
EEEEEVRRENQWAFE
;
B
#
# COMPACT_ATOMS: atom_id res chain seq x y z
N MET A 1 -75.48 8.21 -20.55
CA MET A 1 -75.07 6.95 -19.96
C MET A 1 -73.96 6.28 -20.78
N ALA A 2 -72.78 6.15 -20.17
CA ALA A 2 -71.66 5.43 -20.78
C ALA A 2 -71.31 5.97 -22.17
N GLU A 3 -70.77 7.19 -22.26
CA GLU A 3 -70.19 8.19 -21.35
C GLU A 3 -69.06 7.62 -20.48
N GLU A 4 -68.51 6.47 -20.87
CA GLU A 4 -67.32 5.90 -20.23
C GLU A 4 -66.52 5.15 -21.30
N GLU A 5 -65.63 5.86 -21.98
CA GLU A 5 -64.78 5.23 -22.99
C GLU A 5 -63.37 5.83 -23.03
N GLU A 6 -62.87 6.35 -21.91
CA GLU A 6 -61.68 7.21 -21.94
C GLU A 6 -60.68 6.84 -20.84
N VAL A 7 -60.54 5.55 -20.56
CA VAL A 7 -59.45 5.08 -19.70
C VAL A 7 -58.77 3.90 -20.36
N GLU A 8 -57.76 4.16 -21.18
CA GLU A 8 -56.99 3.07 -21.79
C GLU A 8 -55.51 3.46 -21.90
N GLU A 9 -54.98 4.13 -20.88
CA GLU A 9 -53.55 4.46 -20.84
C GLU A 9 -53.01 4.07 -19.47
N GLY A 10 -52.68 2.79 -19.32
CA GLY A 10 -52.13 2.31 -18.06
C GLY A 10 -51.11 1.20 -18.20
N ARG A 11 -50.59 0.97 -19.41
CA ARG A 11 -49.71 -0.16 -19.66
C ARG A 11 -48.31 0.17 -19.15
N SER A 12 -47.81 -0.64 -18.21
CA SER A 12 -46.49 -0.45 -17.64
C SER A 12 -45.40 -0.69 -18.68
N SER A 13 -44.68 0.37 -19.05
CA SER A 13 -43.61 0.23 -20.02
C SER A 13 -42.42 -0.48 -19.39
N SER A 14 -42.02 -1.59 -19.98
CA SER A 14 -40.90 -2.37 -19.45
C SER A 14 -39.58 -1.74 -19.87
N SER A 15 -38.58 -1.93 -19.01
CA SER A 15 -37.21 -1.48 -19.29
C SER A 15 -36.64 -2.38 -20.38
N ALA A 16 -36.56 -1.86 -21.61
CA ALA A 16 -36.24 -2.72 -22.74
C ALA A 16 -34.82 -3.27 -22.65
N ILE A 17 -34.00 -2.71 -21.76
CA ILE A 17 -32.71 -3.31 -21.51
C ILE A 17 -32.87 -4.72 -20.93
N LEU A 18 -33.89 -4.94 -20.10
CA LEU A 18 -34.23 -6.28 -19.66
C LEU A 18 -34.81 -7.12 -20.80
N ASP A 19 -35.54 -6.49 -21.71
CA ASP A 19 -36.08 -7.17 -22.88
C ASP A 19 -35.00 -7.54 -23.88
N LEU A 20 -33.80 -7.01 -23.73
CA LEU A 20 -32.70 -7.40 -24.58
C LEU A 20 -32.38 -8.87 -24.34
N PRO A 21 -31.90 -9.60 -25.34
CA PRO A 21 -31.35 -10.93 -25.09
C PRO A 21 -30.21 -10.85 -24.08
N GLU A 22 -30.17 -11.84 -23.19
CA GLU A 22 -29.20 -11.84 -22.09
C GLU A 22 -27.75 -11.69 -22.53
N PRO A 23 -27.26 -12.37 -23.58
CA PRO A 23 -25.85 -12.15 -23.98
C PRO A 23 -25.56 -10.71 -24.32
N LEU A 24 -26.56 -9.95 -24.78
CA LEU A 24 -26.34 -8.53 -25.01
C LEU A 24 -26.05 -7.80 -23.71
N LEU A 25 -26.80 -8.11 -22.65
CA LEU A 25 -26.52 -7.51 -21.35
C LEU A 25 -25.14 -7.92 -20.85
N LEU A 26 -24.78 -9.19 -21.04
CA LEU A 26 -23.45 -9.64 -20.68
C LEU A 26 -22.39 -8.84 -21.42
N HIS A 27 -22.63 -8.59 -22.71
CA HIS A 27 -21.72 -7.77 -23.51
C HIS A 27 -21.62 -6.35 -22.98
N ILE A 28 -22.77 -5.74 -22.65
CA ILE A 28 -22.76 -4.37 -22.16
C ILE A 28 -21.95 -4.28 -20.89
N LEU A 29 -22.21 -5.19 -19.95
CA LEU A 29 -21.58 -5.09 -18.65
C LEU A 29 -20.19 -5.67 -18.65
N SER A 30 -19.80 -6.34 -19.74
CA SER A 30 -18.40 -6.64 -19.95
C SER A 30 -17.57 -5.37 -20.03
N PHE A 31 -18.18 -4.25 -20.40
CA PHE A 31 -17.48 -2.98 -20.49
C PHE A 31 -17.37 -2.28 -19.13
N LEU A 32 -18.17 -2.66 -18.15
CA LEU A 32 -18.20 -1.98 -16.86
C LEU A 32 -17.04 -2.46 -16.02
N THR A 33 -16.14 -1.54 -15.69
CA THR A 33 -14.94 -1.89 -14.93
C THR A 33 -15.07 -1.59 -13.44
N ASP A 34 -15.62 -0.43 -13.07
CA ASP A 34 -15.67 -0.04 -11.68
C ASP A 34 -16.58 -0.96 -10.88
N VAL A 35 -16.01 -1.64 -9.90
CA VAL A 35 -16.75 -2.64 -9.14
C VAL A 35 -17.89 -1.99 -8.36
N ARG A 36 -17.70 -0.74 -7.94
CA ARG A 36 -18.77 -0.03 -7.26
C ARG A 36 -20.04 0.03 -8.10
N SER A 37 -19.92 0.52 -9.33
CA SER A 37 -21.08 0.61 -10.21
C SER A 37 -21.57 -0.78 -10.59
N ARG A 38 -20.64 -1.71 -10.78
CA ARG A 38 -21.00 -3.10 -11.06
C ARG A 38 -21.98 -3.62 -10.04
N HIS A 39 -21.65 -3.48 -8.76
CA HIS A 39 -22.46 -4.10 -7.73
C HIS A 39 -23.66 -3.23 -7.37
N ARG A 40 -23.57 -1.93 -7.62
CA ARG A 40 -24.76 -1.09 -7.55
C ARG A 40 -25.83 -1.59 -8.51
N ALA A 41 -25.46 -1.77 -9.78
CA ALA A 41 -26.41 -2.30 -10.75
C ALA A 41 -26.86 -3.70 -10.36
N ALA A 42 -25.93 -4.54 -9.92
CA ALA A 42 -26.30 -5.87 -9.42
C ALA A 42 -27.35 -5.80 -8.32
N LEU A 43 -27.28 -4.79 -7.46
CA LEU A 43 -28.30 -4.61 -6.42
C LEU A 43 -29.59 -4.03 -6.97
N ALA A 44 -29.55 -3.43 -8.16
CA ALA A 44 -30.77 -2.88 -8.75
C ALA A 44 -31.81 -3.98 -8.97
N CYS A 45 -31.40 -5.14 -9.45
CA CYS A 45 -32.33 -6.23 -9.73
C CYS A 45 -31.59 -7.57 -9.70
N GLY A 46 -32.35 -8.64 -9.53
CA GLY A 46 -31.75 -9.97 -9.43
C GLY A 46 -31.16 -10.45 -10.74
N ARG A 47 -31.85 -10.20 -11.84
CA ARG A 47 -31.32 -10.55 -13.15
C ARG A 47 -30.00 -9.82 -13.40
N MET A 48 -29.97 -8.53 -13.06
CA MET A 48 -28.71 -7.79 -13.10
C MET A 48 -27.69 -8.30 -12.08
N ARG A 49 -28.15 -8.80 -10.94
CA ARG A 49 -27.22 -9.40 -9.99
C ARG A 49 -26.51 -10.59 -10.62
N ALA A 50 -27.27 -11.45 -11.29
CA ALA A 50 -26.68 -12.60 -11.98
C ALA A 50 -25.76 -12.15 -13.11
N ALA A 51 -26.17 -11.12 -13.86
CA ALA A 51 -25.34 -10.61 -14.93
C ALA A 51 -23.99 -10.11 -14.41
N GLU A 52 -24.02 -9.31 -13.34
CA GLU A 52 -22.76 -8.79 -12.79
C GLU A 52 -21.91 -9.90 -12.20
N ARG A 53 -22.54 -10.91 -11.59
CA ARG A 53 -21.77 -12.05 -11.09
C ARG A 53 -21.07 -12.78 -12.23
N ALA A 54 -21.76 -12.94 -13.37
CA ALA A 54 -21.17 -13.65 -14.50
C ALA A 54 -20.17 -12.81 -15.27
N THR A 55 -20.22 -11.48 -15.15
CA THR A 55 -19.31 -10.62 -15.90
C THR A 55 -18.01 -10.30 -15.18
N ARG A 56 -17.78 -10.85 -13.98
CA ARG A 56 -16.59 -10.48 -13.23
C ARG A 56 -15.40 -11.36 -13.61
N SER A 57 -14.24 -10.72 -13.81
CA SER A 57 -13.03 -11.43 -14.15
C SER A 57 -12.00 -11.41 -13.03
N GLU A 58 -11.85 -10.28 -12.35
CA GLU A 58 -10.86 -10.13 -11.29
C GLU A 58 -11.58 -9.76 -10.00
N LEU A 59 -10.96 -10.14 -8.87
CA LEU A 59 -11.57 -9.90 -7.58
C LEU A 59 -10.49 -9.96 -6.49
N SER A 60 -10.63 -9.07 -5.51
CA SER A 60 -9.81 -9.11 -4.30
C SER A 60 -10.72 -9.23 -3.09
N LEU A 61 -10.74 -10.40 -2.47
CA LEU A 61 -11.59 -10.65 -1.31
C LEU A 61 -11.16 -9.79 -0.14
N ARG A 62 -12.12 -9.10 0.48
CA ARG A 62 -11.84 -8.27 1.64
C ARG A 62 -12.48 -8.90 2.87
N GLY A 63 -11.74 -8.96 3.95
CA GLY A 63 -12.18 -9.64 5.16
C GLY A 63 -11.50 -10.98 5.34
N ASP A 64 -11.94 -11.69 6.36
CA ASP A 64 -11.33 -12.95 6.74
C ASP A 64 -12.01 -14.08 5.97
N PRO A 65 -11.31 -14.77 5.07
CA PRO A 65 -11.88 -15.99 4.48
C PRO A 65 -12.10 -17.08 5.50
N ARG A 66 -11.23 -17.17 6.51
CA ARG A 66 -11.39 -18.13 7.60
C ARG A 66 -12.66 -17.87 8.38
N SER A 67 -13.18 -16.65 8.33
CA SER A 67 -14.43 -16.34 8.99
C SER A 67 -15.56 -17.18 8.39
N PRO A 68 -16.41 -17.78 9.22
CA PRO A 68 -17.50 -18.59 8.69
C PRO A 68 -18.47 -17.80 7.82
N GLY A 69 -18.53 -16.48 8.00
CA GLY A 69 -19.38 -15.66 7.17
C GLY A 69 -18.99 -15.73 5.69
N PHE A 70 -17.70 -15.67 5.40
CA PHE A 70 -17.27 -15.94 4.04
C PHE A 70 -17.41 -17.41 3.70
N LEU A 71 -17.20 -18.28 4.68
CA LEU A 71 -17.26 -19.73 4.43
C LEU A 71 -18.66 -20.19 4.10
N PHE A 72 -19.68 -19.65 4.79
CA PHE A 72 -21.05 -20.08 4.61
C PHE A 72 -21.83 -19.19 3.63
N LEU A 73 -21.14 -18.58 2.68
CA LEU A 73 -21.84 -17.81 1.64
C LEU A 73 -22.66 -18.75 0.78
N SER A 74 -23.83 -18.29 0.36
CA SER A 74 -24.76 -19.11 -0.41
C SER A 74 -24.19 -19.39 -1.81
N HIS A 75 -24.92 -20.22 -2.56
CA HIS A 75 -24.51 -20.55 -3.91
C HIS A 75 -24.55 -19.33 -4.82
N ALA A 76 -25.25 -18.28 -4.43
CA ALA A 76 -25.27 -17.04 -5.20
C ALA A 76 -23.90 -16.39 -5.31
N PHE A 77 -23.04 -16.55 -4.29
CA PHE A 77 -21.69 -16.02 -4.32
C PHE A 77 -20.86 -16.91 -5.24
N ARG A 78 -21.15 -16.82 -6.53
CA ARG A 78 -20.59 -17.73 -7.52
C ARG A 78 -20.02 -16.93 -8.68
N PHE A 79 -18.76 -17.22 -9.04
CA PHE A 79 -18.03 -16.47 -10.06
C PHE A 79 -17.35 -17.43 -11.02
N PRO A 80 -18.11 -18.06 -11.93
CA PRO A 80 -17.48 -18.96 -12.91
C PRO A 80 -16.49 -18.27 -13.82
N ALA A 81 -16.71 -17.01 -14.16
CA ALA A 81 -15.88 -16.29 -15.12
C ALA A 81 -14.76 -15.50 -14.45
N LEU A 82 -14.56 -15.68 -13.15
CA LEU A 82 -13.51 -14.97 -12.45
C LEU A 82 -12.15 -15.55 -12.83
N GLU A 83 -11.32 -14.74 -13.47
CA GLU A 83 -9.97 -15.15 -13.84
C GLU A 83 -8.93 -14.76 -12.79
N HIS A 84 -8.82 -13.48 -12.48
CA HIS A 84 -7.78 -12.99 -11.59
C HIS A 84 -8.32 -12.98 -10.17
N LEU A 85 -7.67 -13.72 -9.29
CA LEU A 85 -8.07 -13.78 -7.89
C LEU A 85 -6.93 -13.25 -7.04
N ASP A 86 -7.22 -12.28 -6.19
CA ASP A 86 -6.23 -11.65 -5.33
C ASP A 86 -6.61 -11.96 -3.88
N LEU A 87 -5.80 -12.76 -3.21
CA LEU A 87 -6.04 -13.17 -1.84
C LEU A 87 -5.01 -12.58 -0.88
N SER A 88 -4.25 -11.57 -1.31
CA SER A 88 -3.19 -11.02 -0.48
C SER A 88 -3.68 -9.99 0.53
N LEU A 89 -4.94 -9.52 0.40
CA LEU A 89 -5.47 -8.50 1.29
C LEU A 89 -6.52 -9.04 2.26
N VAL A 90 -6.62 -10.36 2.41
CA VAL A 90 -7.64 -10.94 3.27
C VAL A 90 -7.32 -10.63 4.72
N SER A 91 -8.35 -10.64 5.55
CA SER A 91 -8.03 -10.35 6.95
C SER A 91 -7.59 -11.62 7.67
N PRO A 92 -6.64 -11.51 8.59
CA PRO A 92 -5.88 -10.30 8.96
C PRO A 92 -4.74 -9.99 7.99
N TRP A 93 -4.26 -8.76 7.96
CA TRP A 93 -3.17 -8.39 7.09
C TRP A 93 -1.84 -8.96 7.60
N GLY A 94 -1.02 -9.44 6.67
CA GLY A 94 0.31 -9.91 7.00
C GLY A 94 0.37 -11.26 7.67
N HIS A 95 -0.66 -12.09 7.55
CA HIS A 95 -0.72 -13.32 8.29
C HIS A 95 -0.56 -14.53 7.36
N PRO A 96 0.02 -15.63 7.86
CA PRO A 96 0.06 -16.86 7.08
C PRO A 96 -1.35 -17.42 6.89
N LEU A 97 -1.70 -17.71 5.64
CA LEU A 97 -3.05 -18.17 5.30
C LEU A 97 -3.01 -19.65 4.95
N LEU A 98 -3.91 -20.42 5.56
CA LEU A 98 -3.97 -21.87 5.39
C LEU A 98 -2.61 -22.51 5.67
N SER A 99 -1.83 -21.84 6.52
CA SER A 99 -0.51 -22.32 6.85
C SER A 99 -0.61 -23.58 7.71
N SER A 100 0.14 -24.60 7.35
CA SER A 100 0.17 -25.83 8.11
C SER A 100 1.14 -25.77 9.28
N VAL A 101 1.96 -24.73 9.37
CA VAL A 101 2.90 -24.60 10.48
C VAL A 101 2.15 -24.18 11.74
N PRO A 102 2.30 -24.90 12.85
CA PRO A 102 1.55 -24.55 14.07
C PRO A 102 1.98 -23.20 14.62
N PRO A 103 1.07 -22.48 15.28
CA PRO A 103 1.44 -21.18 15.87
C PRO A 103 2.49 -21.34 16.96
N CYS A 104 3.39 -20.37 17.03
CA CYS A 104 4.43 -20.35 18.06
C CYS A 104 3.84 -19.67 19.30
N GLY A 105 3.02 -20.41 20.03
CA GLY A 105 2.42 -19.92 21.25
C GLY A 105 3.15 -20.37 22.49
N GLY A 106 3.94 -19.46 23.08
CA GLY A 106 4.73 -19.78 24.25
C GLY A 106 5.74 -20.89 24.01
N GLY A 107 6.69 -20.65 23.11
CA GLY A 107 7.68 -21.64 22.75
C GLY A 107 9.11 -21.18 22.98
N GLY A 108 9.35 -20.50 24.10
CA GLY A 108 10.67 -20.03 24.43
C GLY A 108 11.68 -21.15 24.59
N GLY A 109 12.91 -20.92 24.15
CA GLY A 109 13.94 -21.93 24.23
C GLY A 109 14.23 -22.37 25.65
N GLY A 110 13.75 -23.55 26.00
CA GLY A 110 13.92 -24.08 27.34
C GLY A 110 13.03 -25.26 27.60
N ALA A 111 13.53 -26.23 28.36
CA ALA A 111 12.74 -27.41 28.68
C ALA A 111 11.56 -27.01 29.56
N PRO A 112 10.32 -27.34 29.17
CA PRO A 112 9.17 -27.00 30.01
C PRO A 112 9.17 -27.78 31.30
N SER A 113 9.26 -27.09 32.43
CA SER A 113 9.18 -27.74 33.73
C SER A 113 7.81 -28.40 33.86
N ALA A 114 7.77 -29.73 33.76
CA ALA A 114 6.52 -30.47 33.63
C ALA A 114 5.86 -30.62 35.00
N SER A 115 5.66 -29.50 35.69
CA SER A 115 4.76 -29.48 36.83
C SER A 115 3.85 -28.27 36.71
N SER A 116 2.80 -28.39 35.89
CA SER A 116 1.87 -27.29 35.65
C SER A 116 0.63 -27.82 34.93
N SER A 117 -0.54 -27.72 35.56
CA SER A 117 -1.77 -28.21 34.92
C SER A 117 -2.74 -27.05 34.73
N SER A 118 -2.59 -26.30 33.63
CA SER A 118 -3.53 -25.24 33.31
C SER A 118 -3.47 -24.83 31.84
N GLY A 119 -4.51 -25.16 31.08
CA GLY A 119 -4.76 -24.54 29.78
C GLY A 119 -3.69 -24.64 28.72
N MET A 120 -3.13 -25.83 28.49
CA MET A 120 -2.17 -26.01 27.41
C MET A 120 -2.90 -26.31 26.11
N ASN A 121 -2.64 -25.50 25.08
CA ASN A 121 -3.25 -25.70 23.78
C ASN A 121 -2.59 -26.88 23.06
N VAL A 122 -3.26 -28.03 23.04
CA VAL A 122 -2.74 -29.19 22.33
C VAL A 122 -2.98 -29.01 20.84
N TYR A 123 -1.91 -29.06 20.05
CA TYR A 123 -2.01 -28.82 18.63
C TYR A 123 -2.61 -30.03 17.92
N HIS A 124 -3.52 -29.80 16.97
CA HIS A 124 -4.16 -30.83 16.17
C HIS A 124 -3.89 -30.59 14.70
N PRO A 125 -2.88 -31.22 14.11
CA PRO A 125 -2.64 -31.02 12.66
C PRO A 125 -3.78 -31.52 11.78
N GLU A 126 -4.45 -32.59 12.19
CA GLU A 126 -5.55 -33.14 11.39
C GLU A 126 -6.66 -32.11 11.19
N ALA A 127 -7.07 -31.44 12.26
CA ALA A 127 -8.08 -30.40 12.14
C ALA A 127 -7.58 -29.25 11.26
N ILE A 128 -6.33 -28.85 11.44
CA ILE A 128 -5.76 -27.73 10.69
C ILE A 128 -5.84 -28.00 9.20
N SER A 129 -5.36 -29.18 8.79
CA SER A 129 -5.44 -29.57 7.39
C SER A 129 -6.90 -29.67 6.94
N GLU A 130 -7.79 -30.07 7.85
CA GLU A 130 -9.21 -30.13 7.52
C GLU A 130 -9.74 -28.76 7.13
N GLN A 131 -9.51 -27.73 7.95
CA GLN A 131 -10.05 -26.42 7.57
C GLN A 131 -9.32 -25.87 6.36
N ASN A 132 -8.03 -26.18 6.23
CA ASN A 132 -7.30 -25.71 5.06
C ASN A 132 -7.92 -26.26 3.78
N ALA A 133 -8.23 -27.56 3.77
CA ALA A 133 -8.88 -28.17 2.62
C ALA A 133 -10.27 -27.59 2.40
N PHE A 134 -11.05 -27.39 3.47
CA PHE A 134 -12.41 -26.91 3.29
C PHE A 134 -12.44 -25.50 2.74
N ILE A 135 -11.55 -24.62 3.25
CA ILE A 135 -11.48 -23.25 2.75
C ILE A 135 -11.01 -23.25 1.31
N ALA A 136 -10.05 -24.11 0.96
CA ALA A 136 -9.59 -24.20 -0.42
C ALA A 136 -10.72 -24.65 -1.34
N ALA A 137 -11.51 -25.64 -0.89
CA ALA A 137 -12.64 -26.12 -1.69
C ALA A 137 -13.68 -25.02 -1.88
N ARG A 138 -13.97 -24.27 -0.82
CA ARG A 138 -14.93 -23.18 -0.94
C ARG A 138 -14.42 -22.09 -1.90
N LEU A 139 -13.13 -21.76 -1.82
CA LEU A 139 -12.56 -20.76 -2.72
C LEU A 139 -12.63 -21.24 -4.16
N ALA A 140 -12.33 -22.51 -4.39
CA ALA A 140 -12.44 -23.06 -5.74
C ALA A 140 -13.88 -23.02 -6.23
N GLY A 141 -14.83 -23.35 -5.36
CA GLY A 141 -16.23 -23.30 -5.76
C GLY A 141 -16.69 -21.89 -6.13
N CYS A 142 -16.29 -20.90 -5.34
CA CYS A 142 -16.63 -19.53 -5.66
C CYS A 142 -15.86 -19.02 -6.88
N PHE A 143 -14.60 -19.42 -7.02
CA PHE A 143 -13.70 -18.89 -8.03
C PHE A 143 -13.04 -20.05 -8.78
N PRO A 144 -13.77 -20.71 -9.68
CA PRO A 144 -13.22 -21.90 -10.34
C PRO A 144 -12.23 -21.62 -11.44
N ALA A 145 -12.28 -20.44 -12.07
CA ALA A 145 -11.48 -20.16 -13.25
C ALA A 145 -10.28 -19.28 -12.96
N VAL A 146 -9.62 -19.48 -11.82
CA VAL A 146 -8.48 -18.63 -11.47
C VAL A 146 -7.23 -19.12 -12.19
N THR A 147 -6.64 -18.26 -13.01
CA THR A 147 -5.40 -18.55 -13.70
C THR A 147 -4.27 -17.60 -13.35
N SER A 148 -4.57 -16.35 -13.00
CA SER A 148 -3.60 -15.41 -12.48
C SER A 148 -3.97 -15.14 -11.03
N LEU A 149 -3.12 -15.55 -10.11
CA LEU A 149 -3.43 -15.53 -8.69
C LEU A 149 -2.37 -14.77 -7.93
N ALA A 150 -2.80 -13.91 -7.00
CA ALA A 150 -1.92 -13.20 -6.10
C ALA A 150 -2.25 -13.60 -4.66
N VAL A 151 -1.22 -13.97 -3.90
CA VAL A 151 -1.42 -14.50 -2.56
C VAL A 151 -0.23 -14.14 -1.69
N TYR A 152 -0.50 -13.88 -0.42
CA TYR A 152 0.52 -13.63 0.59
C TYR A 152 1.02 -14.96 1.14
N CYS A 153 2.31 -15.23 0.95
CA CYS A 153 2.91 -16.51 1.33
C CYS A 153 3.95 -16.28 2.43
N ARG A 154 3.56 -16.55 3.67
CA ARG A 154 4.53 -16.60 4.76
C ARG A 154 5.34 -17.89 4.71
N ASP A 155 4.73 -18.94 4.18
CA ASP A 155 5.31 -20.28 4.21
C ASP A 155 4.72 -21.08 3.07
N PRO A 156 5.50 -21.99 2.47
CA PRO A 156 5.02 -22.69 1.27
C PRO A 156 3.88 -23.65 1.53
N THR A 157 3.54 -23.92 2.79
CA THR A 157 2.38 -24.76 3.08
C THR A 157 1.09 -24.13 2.57
N THR A 158 1.01 -22.80 2.60
CA THR A 158 -0.10 -22.10 1.95
C THR A 158 -0.19 -22.49 0.47
N LEU A 159 0.96 -22.47 -0.21
CA LEU A 159 0.98 -22.82 -1.63
C LEU A 159 0.61 -24.27 -1.85
N ALA A 160 1.10 -25.17 -1.00
CA ALA A 160 0.75 -26.58 -1.12
C ALA A 160 -0.75 -26.79 -0.94
N ASN A 161 -1.36 -26.07 0.00
CA ASN A 161 -2.80 -26.13 0.17
C ASN A 161 -3.57 -25.58 -1.03
N LEU A 162 -3.10 -24.48 -1.63
CA LEU A 162 -3.91 -23.80 -2.64
C LEU A 162 -3.72 -24.38 -4.04
N THR A 163 -2.53 -24.88 -4.37
CA THR A 163 -2.24 -25.26 -5.75
C THR A 163 -3.16 -26.32 -6.34
N PRO A 164 -3.53 -27.41 -5.67
CA PRO A 164 -4.26 -28.49 -6.36
C PRO A 164 -5.57 -28.05 -6.99
N HIS A 165 -6.23 -27.03 -6.44
CA HIS A 165 -7.53 -26.62 -6.98
C HIS A 165 -7.40 -25.85 -8.28
N TRP A 166 -6.33 -25.08 -8.47
CA TRP A 166 -6.14 -24.29 -9.68
C TRP A 166 -4.86 -24.63 -10.42
N GLN A 167 -4.21 -25.75 -10.11
CA GLN A 167 -2.94 -26.08 -10.77
C GLN A 167 -3.10 -26.29 -12.26
N ALA A 168 -4.27 -26.76 -12.70
CA ALA A 168 -4.47 -27.03 -14.12
C ALA A 168 -4.58 -25.75 -14.93
N SER A 169 -5.08 -24.66 -14.34
CA SER A 169 -5.30 -23.43 -15.07
C SER A 169 -4.35 -22.30 -14.69
N LEU A 170 -3.73 -22.37 -13.52
CA LEU A 170 -2.93 -21.26 -13.02
C LEU A 170 -1.71 -21.06 -13.92
N ARG A 171 -1.64 -19.90 -14.56
CA ARG A 171 -0.59 -19.58 -15.51
C ARG A 171 0.30 -18.44 -15.05
N ARG A 172 -0.22 -17.55 -14.21
CA ARG A 172 0.55 -16.49 -13.57
C ARG A 172 0.31 -16.57 -12.07
N VAL A 173 1.38 -16.39 -11.28
CA VAL A 173 1.28 -16.41 -9.83
C VAL A 173 2.04 -15.23 -9.27
N LYS A 174 1.45 -14.56 -8.28
CA LYS A 174 2.09 -13.47 -7.56
C LYS A 174 2.23 -13.86 -6.10
N LEU A 175 3.45 -13.84 -5.59
CA LEU A 175 3.73 -14.20 -4.21
C LEU A 175 4.07 -12.95 -3.40
N VAL A 176 3.53 -12.88 -2.18
CA VAL A 176 3.66 -11.71 -1.33
C VAL A 176 4.25 -12.14 0.00
N ARG A 177 5.31 -11.47 0.44
CA ARG A 177 5.80 -11.60 1.81
C ARG A 177 6.69 -10.41 2.12
N TRP A 178 6.23 -9.54 3.02
CA TRP A 178 7.08 -8.52 3.60
C TRP A 178 7.69 -8.95 4.92
N HIS A 179 7.13 -9.97 5.56
CA HIS A 179 7.71 -10.54 6.76
C HIS A 179 8.98 -11.30 6.40
N GLN A 180 9.77 -11.62 7.42
CA GLN A 180 11.03 -12.31 7.17
C GLN A 180 10.77 -13.71 6.66
N ARG A 181 11.65 -14.16 5.76
CA ARG A 181 11.57 -15.52 5.26
C ARG A 181 11.80 -16.51 6.41
N PRO A 182 10.98 -17.56 6.53
CA PRO A 182 11.20 -18.55 7.58
C PRO A 182 12.56 -19.20 7.45
N PRO A 183 13.42 -19.04 8.47
CA PRO A 183 14.79 -19.57 8.37
C PRO A 183 14.87 -21.08 8.27
N THR A 184 13.87 -21.80 8.76
CA THR A 184 13.91 -23.26 8.76
C THR A 184 13.57 -23.88 7.41
N LEU A 185 13.16 -23.08 6.45
CA LEU A 185 12.77 -23.61 5.14
C LEU A 185 14.00 -24.05 4.37
N PRO A 186 13.95 -25.17 3.66
CA PRO A 186 15.04 -25.52 2.75
C PRO A 186 15.13 -24.52 1.60
N ASP A 187 16.33 -24.45 1.02
CA ASP A 187 16.57 -23.48 -0.04
C ASP A 187 15.75 -23.83 -1.28
N GLY A 188 14.98 -22.87 -1.76
CA GLY A 188 14.10 -23.08 -2.90
C GLY A 188 12.79 -23.76 -2.56
N ALA A 189 12.57 -24.11 -1.30
CA ALA A 189 11.36 -24.84 -0.92
C ALA A 189 10.11 -23.98 -1.02
N ASP A 190 10.27 -22.66 -0.92
CA ASP A 190 9.12 -21.78 -1.07
C ASP A 190 8.50 -21.90 -2.45
N LEU A 191 9.31 -22.16 -3.48
CA LEU A 191 8.83 -22.21 -4.84
C LEU A 191 8.56 -23.62 -5.33
N GLU A 192 9.05 -24.63 -4.63
CA GLU A 192 8.90 -26.02 -5.06
C GLU A 192 7.46 -26.44 -5.30
N PRO A 193 6.49 -26.15 -4.43
CA PRO A 193 5.12 -26.62 -4.69
C PRO A 193 4.57 -26.15 -6.03
N LEU A 194 4.85 -24.92 -6.43
CA LEU A 194 4.38 -24.43 -7.72
C LEU A 194 5.11 -25.11 -8.87
N LEU A 195 6.44 -25.28 -8.73
CA LEU A 195 7.21 -25.96 -9.76
C LEU A 195 6.82 -27.41 -9.89
N GLU A 196 6.08 -27.93 -8.90
CA GLU A 196 5.71 -29.33 -8.90
C GLU A 196 4.26 -29.54 -9.34
N THR A 197 3.38 -28.58 -9.04
CA THR A 197 1.95 -28.75 -9.26
C THR A 197 1.42 -28.05 -10.51
N CYS A 198 1.62 -26.73 -10.62
CA CYS A 198 0.98 -25.93 -11.66
C CYS A 198 1.79 -26.07 -12.96
N ALA A 199 1.34 -26.98 -13.82
CA ALA A 199 1.98 -27.15 -15.11
C ALA A 199 1.62 -26.05 -16.09
N ALA A 200 0.53 -25.31 -15.84
CA ALA A 200 0.07 -24.28 -16.76
C ALA A 200 0.76 -22.94 -16.55
N LEU A 201 1.66 -22.83 -15.58
CA LEU A 201 2.27 -21.56 -15.26
C LEU A 201 3.01 -20.98 -16.46
N ARG A 202 2.76 -19.71 -16.75
CA ARG A 202 3.45 -19.03 -17.83
C ARG A 202 4.07 -17.70 -17.42
N GLU A 203 3.64 -17.10 -16.32
CA GLU A 203 4.23 -15.86 -15.82
C GLU A 203 4.47 -16.02 -14.33
N LEU A 204 5.61 -15.54 -13.84
CA LEU A 204 5.93 -15.64 -12.42
C LEU A 204 6.36 -14.26 -11.94
N ASP A 205 5.93 -13.90 -10.72
CA ASP A 205 6.20 -12.59 -10.14
C ASP A 205 6.75 -12.77 -8.73
N LEU A 206 7.91 -12.16 -8.47
CA LEU A 206 8.48 -12.09 -7.13
C LEU A 206 9.13 -10.74 -6.84
N SER A 207 8.56 -9.65 -7.37
CA SER A 207 9.19 -8.35 -7.19
C SER A 207 9.19 -7.91 -5.73
N GLU A 208 8.10 -8.16 -5.02
CA GLU A 208 7.97 -7.72 -3.64
C GLU A 208 7.99 -8.88 -2.65
N PHE A 209 8.13 -10.10 -3.15
CA PHE A 209 8.15 -11.27 -2.29
C PHE A 209 9.58 -11.39 -1.78
N TYR A 210 9.79 -11.07 -0.51
CA TYR A 210 11.12 -11.09 0.07
C TYR A 210 11.62 -12.53 0.15
N CYS A 211 12.80 -12.77 -0.42
CA CYS A 211 13.48 -14.06 -0.33
C CYS A 211 14.90 -13.89 -0.84
N TRP A 212 15.70 -14.95 -0.71
CA TRP A 212 17.08 -14.92 -1.14
C TRP A 212 17.21 -15.39 -2.59
N THR A 213 18.22 -14.83 -3.28
CA THR A 213 18.48 -15.21 -4.67
C THR A 213 18.83 -16.68 -4.79
N GLU A 214 19.48 -17.23 -3.77
CA GLU A 214 19.91 -18.62 -3.80
C GLU A 214 18.72 -19.56 -3.81
N ASP A 215 17.67 -19.22 -3.07
CA ASP A 215 16.42 -19.96 -3.14
C ASP A 215 15.92 -20.02 -4.58
N VAL A 216 15.97 -18.88 -5.28
CA VAL A 216 15.51 -18.81 -6.66
C VAL A 216 16.34 -19.72 -7.54
N VAL A 217 17.67 -19.65 -7.40
CA VAL A 217 18.53 -20.47 -8.24
C VAL A 217 18.25 -21.95 -8.00
N ARG A 218 18.17 -22.34 -6.73
CA ARG A 218 17.90 -23.74 -6.40
C ARG A 218 16.58 -24.20 -6.98
N ALA A 219 15.50 -23.46 -6.71
CA ALA A 219 14.19 -23.91 -7.16
C ALA A 219 14.11 -23.97 -8.68
N LEU A 220 14.67 -22.97 -9.35
CA LEU A 220 14.50 -22.89 -10.79
C LEU A 220 15.40 -23.86 -11.54
N THR A 221 16.70 -23.82 -11.27
CA THR A 221 17.64 -24.62 -12.04
C THR A 221 17.46 -26.11 -11.81
N THR A 222 16.75 -26.47 -10.74
CA THR A 222 16.42 -27.85 -10.43
C THR A 222 15.01 -28.23 -10.85
N HIS A 223 14.32 -27.36 -11.59
CA HIS A 223 13.01 -27.68 -12.16
C HIS A 223 12.98 -27.30 -13.63
N PRO A 224 13.86 -27.88 -14.46
CA PRO A 224 13.94 -27.46 -15.86
C PRO A 224 12.65 -27.67 -16.63
N SER A 225 11.84 -28.66 -16.24
CA SER A 225 10.59 -28.92 -16.95
C SER A 225 9.68 -27.70 -16.90
N ALA A 226 9.51 -27.10 -15.73
CA ALA A 226 8.66 -25.93 -15.60
C ALA A 226 9.36 -24.68 -16.13
N THR A 227 10.69 -24.60 -15.96
CA THR A 227 11.39 -23.38 -16.32
C THR A 227 11.53 -23.24 -17.83
N ALA A 228 11.46 -24.34 -18.57
CA ALA A 228 11.51 -24.26 -20.02
C ALA A 228 10.24 -23.64 -20.61
N ALA A 229 9.18 -23.48 -19.82
CA ALA A 229 7.90 -23.02 -20.33
C ALA A 229 7.47 -21.65 -19.82
N LEU A 230 8.18 -21.07 -18.86
CA LEU A 230 7.77 -19.77 -18.33
C LEU A 230 7.93 -18.69 -19.39
N THR A 231 7.08 -17.67 -19.34
CA THR A 231 7.16 -16.57 -20.28
C THR A 231 7.47 -15.23 -19.64
N HIS A 232 7.09 -15.00 -18.38
CA HIS A 232 7.30 -13.72 -17.73
C HIS A 232 7.83 -13.94 -16.32
N LEU A 233 8.82 -13.14 -15.92
CA LEU A 233 9.47 -13.29 -14.62
C LEU A 233 9.79 -11.94 -14.03
N ASP A 234 9.60 -11.81 -12.71
CA ASP A 234 10.05 -10.65 -11.95
C ASP A 234 10.83 -11.13 -10.73
N LEU A 235 11.93 -10.43 -10.42
CA LEU A 235 12.84 -10.84 -9.36
C LEU A 235 13.20 -9.69 -8.43
N GLY A 236 12.28 -8.75 -8.21
CA GLY A 236 12.58 -7.62 -7.34
C GLY A 236 12.88 -8.01 -5.91
N LEU A 237 12.17 -9.01 -5.39
CA LEU A 237 12.40 -9.56 -4.05
C LEU A 237 12.27 -8.48 -2.98
N ALA A 238 11.23 -7.66 -3.12
CA ALA A 238 10.98 -6.52 -2.24
C ALA A 238 12.12 -5.53 -2.25
N ALA A 239 13.00 -5.61 -3.25
CA ALA A 239 14.18 -4.74 -3.38
C ALA A 239 15.02 -4.77 -2.10
N ALA A 240 14.88 -5.83 -1.31
CA ALA A 240 15.60 -5.99 -0.06
C ALA A 240 16.90 -6.76 -0.26
N THR A 241 17.27 -7.00 -1.51
CA THR A 241 18.48 -7.73 -1.86
C THR A 241 19.51 -6.77 -2.42
N ASP A 242 20.78 -7.13 -2.26
CA ASP A 242 21.85 -6.37 -2.87
C ASP A 242 21.94 -6.60 -4.37
N GLY A 243 21.18 -7.55 -4.90
CA GLY A 243 21.15 -7.82 -6.32
C GLY A 243 21.68 -9.19 -6.67
N PHE A 244 21.08 -9.78 -7.68
CA PHE A 244 21.52 -11.07 -8.19
C PHE A 244 22.94 -10.99 -8.70
N LYS A 245 23.69 -12.07 -8.48
CA LYS A 245 25.04 -12.20 -9.00
C LYS A 245 25.03 -12.97 -10.31
N SER A 246 26.14 -12.88 -11.04
CA SER A 246 26.23 -13.57 -12.34
C SER A 246 26.09 -15.08 -12.16
N SER A 247 26.77 -15.64 -11.14
CA SER A 247 26.72 -17.08 -10.88
C SER A 247 25.33 -17.57 -10.55
N GLU A 248 24.49 -16.73 -9.97
CA GLU A 248 23.10 -17.05 -9.72
C GLU A 248 22.27 -17.01 -11.00
N LEU A 249 22.49 -15.98 -11.82
CA LEU A 249 21.66 -15.76 -13.00
C LEU A 249 21.92 -16.82 -14.07
N GLY A 250 23.17 -17.27 -14.19
CA GLY A 250 23.55 -18.18 -15.25
C GLY A 250 22.68 -19.43 -15.39
N PRO A 251 22.73 -20.31 -14.39
CA PRO A 251 21.94 -21.54 -14.47
C PRO A 251 20.44 -21.27 -14.58
N ILE A 252 19.98 -20.16 -14.00
CA ILE A 252 18.62 -19.70 -14.23
C ILE A 252 18.35 -19.57 -15.72
N ALA A 253 19.24 -18.85 -16.42
CA ALA A 253 19.09 -18.68 -17.86
C ALA A 253 19.11 -20.02 -18.57
N ALA A 254 19.96 -20.93 -18.12
CA ALA A 254 20.05 -22.24 -18.76
C ALA A 254 18.74 -22.99 -18.66
N SER A 255 18.10 -22.97 -17.49
CA SER A 255 16.89 -23.76 -17.34
C SER A 255 15.68 -23.14 -18.03
N CYS A 256 15.80 -21.90 -18.52
CA CYS A 256 14.67 -21.16 -19.08
C CYS A 256 15.00 -20.67 -20.50
N PRO A 257 14.76 -21.50 -21.51
CA PRO A 257 14.94 -21.04 -22.89
C PRO A 257 13.80 -20.16 -23.41
N ASN A 258 12.68 -20.06 -22.70
CA ASN A 258 11.45 -19.53 -23.29
C ASN A 258 10.94 -18.25 -22.63
N LEU A 259 11.77 -17.55 -21.86
CA LEU A 259 11.30 -16.34 -21.20
C LEU A 259 11.09 -15.22 -22.21
N ARG A 260 10.17 -14.30 -21.88
CA ARG A 260 9.89 -13.13 -22.70
C ARG A 260 10.02 -11.82 -21.93
N LYS A 261 9.62 -11.80 -20.66
CA LYS A 261 9.72 -10.62 -19.82
C LYS A 261 10.53 -10.94 -18.57
N LEU A 262 11.48 -10.06 -18.23
CA LEU A 262 12.27 -10.19 -17.03
C LEU A 262 12.40 -8.86 -16.31
N VAL A 263 12.24 -8.88 -15.00
CA VAL A 263 12.59 -7.77 -14.13
C VAL A 263 13.43 -8.33 -12.99
N ALA A 264 14.63 -7.78 -12.80
CA ALA A 264 15.48 -8.32 -11.75
C ALA A 264 16.56 -7.35 -11.31
N PRO A 265 16.59 -6.97 -10.03
CA PRO A 265 17.77 -6.31 -9.49
C PRO A 265 18.94 -7.27 -9.40
N CYS A 266 20.11 -6.76 -9.75
CA CYS A 266 21.29 -7.60 -9.91
C CYS A 266 22.52 -6.91 -9.36
N LEU A 267 23.51 -7.72 -8.97
CA LEU A 267 24.76 -7.21 -8.43
C LEU A 267 25.60 -6.69 -9.59
N PHE A 268 25.58 -5.37 -9.81
CA PHE A 268 26.38 -4.75 -10.86
C PHE A 268 27.61 -4.03 -10.33
N ASN A 269 27.93 -4.21 -9.06
CA ASN A 269 29.07 -3.54 -8.45
C ASN A 269 30.36 -4.19 -8.95
N PRO A 270 31.21 -3.48 -9.69
CA PRO A 270 32.43 -4.12 -10.23
C PRO A 270 33.38 -4.65 -9.18
N ARG A 271 33.29 -4.14 -7.94
CA ARG A 271 34.17 -4.61 -6.88
C ARG A 271 33.89 -6.04 -6.46
N PHE A 272 32.75 -6.60 -6.87
CA PHE A 272 32.46 -8.02 -6.72
C PHE A 272 32.83 -8.76 -8.00
N SER A 273 33.59 -9.85 -7.86
CA SER A 273 33.90 -10.68 -9.01
C SER A 273 32.66 -11.33 -9.58
N ASP A 274 31.68 -11.66 -8.74
CA ASP A 274 30.43 -12.26 -9.19
C ASP A 274 29.42 -11.19 -9.61
N CYS A 275 29.89 -9.99 -9.93
CA CYS A 275 29.02 -8.97 -10.48
C CYS A 275 28.58 -9.37 -11.88
N VAL A 276 27.53 -8.70 -12.35
CA VAL A 276 26.98 -8.98 -13.67
C VAL A 276 27.80 -8.19 -14.70
N GLY A 277 28.72 -8.87 -15.37
CA GLY A 277 29.49 -8.28 -16.43
C GLY A 277 28.88 -8.57 -17.79
N ASP A 278 29.61 -8.14 -18.83
CA ASP A 278 29.14 -8.36 -20.21
C ASP A 278 29.01 -9.84 -20.52
N ASP A 279 29.86 -10.67 -19.90
CA ASP A 279 29.80 -12.11 -20.13
C ASP A 279 28.46 -12.68 -19.67
N ALA A 280 28.02 -12.32 -18.47
CA ALA A 280 26.70 -12.73 -18.01
C ALA A 280 25.61 -12.17 -18.90
N LEU A 281 25.78 -10.92 -19.34
CA LEU A 281 24.79 -10.31 -20.22
C LEU A 281 24.59 -11.15 -21.47
N LEU A 282 25.68 -11.52 -22.14
CA LEU A 282 25.57 -12.27 -23.38
C LEU A 282 25.13 -13.70 -23.12
N SER A 283 25.49 -14.27 -21.96
CA SER A 283 25.00 -15.60 -21.63
C SER A 283 23.49 -15.60 -21.49
N LEU A 284 22.94 -14.59 -20.80
CA LEU A 284 21.49 -14.42 -20.74
C LEU A 284 20.89 -14.22 -22.13
N ALA A 285 21.54 -13.37 -22.94
CA ALA A 285 21.01 -13.07 -24.26
C ALA A 285 20.92 -14.33 -25.12
N THR A 286 21.98 -15.13 -25.14
CA THR A 286 21.96 -16.39 -25.85
C THR A 286 20.93 -17.34 -25.27
N SER A 287 20.85 -17.43 -23.94
CA SER A 287 19.96 -18.39 -23.30
C SER A 287 18.50 -18.10 -23.57
N CYS A 288 18.13 -16.83 -23.74
CA CYS A 288 16.75 -16.43 -23.95
C CYS A 288 16.67 -15.48 -25.14
N PRO A 289 16.80 -16.00 -26.36
CA PRO A 289 16.80 -15.13 -27.55
C PRO A 289 15.46 -14.48 -27.84
N ARG A 290 14.37 -14.95 -27.21
CA ARG A 290 13.02 -14.49 -27.53
C ARG A 290 12.55 -13.36 -26.63
N LEU A 291 13.43 -12.80 -25.81
CA LEU A 291 13.02 -11.85 -24.78
C LEU A 291 12.41 -10.59 -25.39
N THR A 292 11.44 -10.02 -24.69
CA THR A 292 10.76 -8.81 -25.14
C THR A 292 10.77 -7.68 -24.12
N VAL A 293 10.64 -7.99 -22.83
CA VAL A 293 10.62 -6.98 -21.78
C VAL A 293 11.74 -7.33 -20.80
N LEU A 294 12.66 -6.39 -20.59
CA LEU A 294 13.79 -6.61 -19.69
C LEU A 294 13.96 -5.38 -18.82
N ARG A 295 13.96 -5.58 -17.51
CA ARG A 295 14.10 -4.48 -16.56
C ARG A 295 15.12 -4.90 -15.50
N LEU A 296 16.35 -4.40 -15.66
CA LEU A 296 17.50 -4.84 -14.87
C LEU A 296 18.04 -3.68 -14.05
N SER A 297 18.34 -3.94 -12.79
CA SER A 297 18.65 -2.87 -11.85
C SER A 297 19.76 -3.28 -10.89
N GLU A 298 20.51 -2.27 -10.43
CA GLU A 298 21.56 -2.43 -9.43
C GLU A 298 21.03 -1.94 -8.09
N PRO A 299 20.78 -2.81 -7.12
CA PRO A 299 20.41 -2.32 -5.79
C PRO A 299 21.54 -1.50 -5.19
N PHE A 300 21.15 -0.44 -4.48
CA PHE A 300 22.11 0.50 -3.93
C PHE A 300 21.55 1.03 -2.62
N GLU A 301 22.45 1.57 -1.80
CA GLU A 301 22.07 2.20 -0.54
C GLU A 301 22.43 3.68 -0.59
N ALA A 302 21.68 4.49 0.16
CA ALA A 302 21.87 5.94 0.13
C ALA A 302 23.26 6.37 0.56
N ALA A 303 23.96 5.53 1.32
CA ALA A 303 25.32 5.87 1.73
C ALA A 303 26.30 5.88 0.56
N ALA A 304 25.91 5.36 -0.60
CA ALA A 304 26.75 5.39 -1.80
C ALA A 304 26.76 6.81 -2.33
N ASN A 305 27.73 7.59 -1.86
CA ASN A 305 27.83 9.00 -2.23
C ASN A 305 28.42 9.14 -3.63
N ILE A 306 27.63 9.76 -4.52
CA ILE A 306 27.95 9.99 -5.93
C ILE A 306 28.82 8.89 -6.53
N GLN A 307 28.18 7.83 -7.02
CA GLN A 307 28.92 6.71 -7.59
C GLN A 307 29.55 7.12 -8.90
N ARG A 308 30.79 7.61 -8.82
CA ARG A 308 31.58 7.99 -9.99
C ARG A 308 32.28 6.81 -10.63
N GLU A 309 32.40 5.70 -9.92
CA GLU A 309 33.01 4.50 -10.45
C GLU A 309 32.25 4.00 -11.67
N GLU A 310 32.94 3.24 -12.51
CA GLU A 310 32.35 2.69 -13.71
C GLU A 310 31.65 1.37 -13.41
N ALA A 311 30.73 0.97 -14.28
CA ALA A 311 30.10 -0.33 -14.16
C ALA A 311 30.90 -1.39 -14.89
N ALA A 312 30.55 -2.65 -14.64
CA ALA A 312 31.19 -3.81 -15.25
C ALA A 312 30.70 -4.09 -16.67
N ILE A 313 30.04 -3.14 -17.30
CA ILE A 313 29.44 -3.32 -18.62
C ILE A 313 30.06 -2.36 -19.61
N THR A 314 30.56 -2.88 -20.72
CA THR A 314 31.19 -2.08 -21.75
C THR A 314 30.20 -1.82 -22.88
N VAL A 315 30.55 -0.82 -23.70
CA VAL A 315 29.71 -0.47 -24.85
C VAL A 315 29.72 -1.59 -25.87
N ALA A 316 30.87 -2.25 -26.05
CA ALA A 316 30.93 -3.39 -26.94
C ALA A 316 30.06 -4.52 -26.45
N GLY A 317 30.08 -4.79 -25.14
CA GLY A 317 29.18 -5.77 -24.58
C GLY A 317 27.73 -5.39 -24.77
N LEU A 318 27.42 -4.10 -24.61
CA LEU A 318 26.07 -3.62 -24.86
C LEU A 318 25.65 -3.87 -26.30
N VAL A 319 26.54 -3.56 -27.25
CA VAL A 319 26.25 -3.75 -28.67
C VAL A 319 26.00 -5.22 -28.97
N ALA A 320 26.87 -6.09 -28.48
CA ALA A 320 26.70 -7.53 -28.71
C ALA A 320 25.42 -8.04 -28.09
N PHE A 321 25.09 -7.55 -26.89
CA PHE A 321 23.86 -7.96 -26.24
C PHE A 321 22.65 -7.52 -27.04
N PHE A 322 22.69 -6.30 -27.59
CA PHE A 322 21.62 -5.84 -28.47
C PHE A 322 21.49 -6.72 -29.70
N ALA A 323 22.62 -7.15 -30.27
CA ALA A 323 22.57 -8.03 -31.44
C ALA A 323 21.98 -9.38 -31.09
N ALA A 324 22.31 -9.93 -29.92
CA ALA A 324 21.89 -11.28 -29.57
C ALA A 324 20.40 -11.39 -29.25
N LEU A 325 19.71 -10.26 -29.03
CA LEU A 325 18.30 -10.25 -28.66
C LEU A 325 17.52 -9.31 -29.58
N PRO A 326 17.13 -9.78 -30.76
CA PRO A 326 16.38 -8.91 -31.68
C PRO A 326 14.95 -8.64 -31.27
N ALA A 327 14.40 -9.39 -30.32
CA ALA A 327 12.97 -9.36 -30.02
C ALA A 327 12.60 -8.36 -28.94
N LEU A 328 13.55 -7.55 -28.48
CA LEU A 328 13.27 -6.64 -27.38
C LEU A 328 12.41 -5.45 -27.80
N GLU A 329 11.48 -5.07 -26.94
CA GLU A 329 10.67 -3.87 -27.11
C GLU A 329 10.60 -3.01 -25.86
N ASP A 330 10.70 -3.61 -24.67
CA ASP A 330 10.76 -2.89 -23.40
C ASP A 330 12.09 -3.20 -22.75
N PHE A 331 12.80 -2.15 -22.33
CA PHE A 331 14.12 -2.30 -21.73
C PHE A 331 14.28 -1.31 -20.59
N THR A 332 14.76 -1.80 -19.45
CA THR A 332 15.11 -0.97 -18.30
C THR A 332 16.45 -1.43 -17.76
N MET A 333 17.41 -0.51 -17.71
CA MET A 333 18.77 -0.83 -17.25
C MET A 333 19.23 0.34 -16.37
N ASP A 334 19.00 0.24 -15.08
CA ASP A 334 19.25 1.32 -14.13
C ASP A 334 20.47 0.94 -13.29
N LEU A 335 21.51 1.76 -13.37
CA LEU A 335 22.75 1.54 -12.64
C LEU A 335 23.14 2.77 -11.84
N GLN A 336 23.87 2.54 -10.76
CA GLN A 336 24.48 3.63 -10.01
C GLN A 336 25.88 3.94 -10.51
N HIS A 337 26.59 2.94 -11.01
CA HIS A 337 27.84 3.16 -11.71
C HIS A 337 27.58 3.70 -13.10
N ASN A 338 28.55 4.41 -13.66
CA ASN A 338 28.35 5.05 -14.96
C ASN A 338 28.92 4.21 -16.10
N VAL A 339 28.15 4.13 -17.18
CA VAL A 339 28.58 3.53 -18.43
C VAL A 339 28.87 4.68 -19.39
N LEU A 340 30.11 4.78 -19.83
CA LEU A 340 30.52 5.90 -20.67
C LEU A 340 30.39 5.55 -22.15
N GLU A 341 29.95 6.55 -22.92
CA GLU A 341 29.95 6.48 -24.38
C GLU A 341 29.10 5.35 -24.92
N ALA A 342 27.88 5.20 -24.37
CA ALA A 342 26.99 4.15 -24.79
C ALA A 342 26.14 4.54 -25.99
N ALA A 343 26.41 5.68 -26.62
CA ALA A 343 25.71 6.06 -27.84
C ALA A 343 25.87 5.05 -28.98
N PRO A 344 27.08 4.55 -29.29
CA PRO A 344 27.16 3.45 -30.26
C PRO A 344 26.40 2.21 -29.81
N ALA A 345 26.34 1.95 -28.51
CA ALA A 345 25.47 0.90 -28.03
C ALA A 345 24.02 1.19 -28.39
N MET A 346 23.58 2.43 -28.22
CA MET A 346 22.20 2.78 -28.56
C MET A 346 21.95 2.61 -30.05
N GLU A 347 22.95 2.95 -30.87
CA GLU A 347 22.83 2.73 -32.32
C GLU A 347 22.67 1.25 -32.64
N ALA A 348 23.47 0.40 -32.00
CA ALA A 348 23.33 -1.04 -32.22
C ALA A 348 21.98 -1.53 -31.73
N LEU A 349 21.48 -0.96 -30.65
CA LEU A 349 20.15 -1.29 -30.17
C LEU A 349 19.10 -0.97 -31.22
N ALA A 350 19.16 0.25 -31.76
CA ALA A 350 18.18 0.64 -32.77
C ALA A 350 18.27 -0.24 -34.00
N ARG A 351 19.49 -0.54 -34.44
CA ARG A 351 19.67 -1.36 -35.64
C ARG A 351 19.19 -2.79 -35.43
N ARG A 352 19.65 -3.43 -34.36
CA ARG A 352 19.36 -4.82 -34.11
C ARG A 352 18.01 -5.03 -33.45
N CYS A 353 17.46 -3.99 -32.81
CA CYS A 353 16.14 -4.04 -32.20
C CYS A 353 15.34 -2.87 -32.77
N PRO A 354 14.88 -2.98 -34.02
CA PRO A 354 14.00 -1.95 -34.57
C PRO A 354 12.67 -1.86 -33.84
N ARG A 355 12.30 -2.88 -33.07
CA ARG A 355 11.06 -2.89 -32.31
C ARG A 355 11.20 -2.22 -30.95
N ILE A 356 12.32 -1.53 -30.69
CA ILE A 356 12.51 -0.93 -29.39
C ILE A 356 11.51 0.20 -29.19
N LYS A 357 10.82 0.17 -28.06
CA LYS A 357 9.80 1.15 -27.75
C LYS A 357 9.98 1.80 -26.39
N PHE A 358 10.36 1.02 -25.37
CA PHE A 358 10.48 1.50 -24.00
C PHE A 358 11.94 1.37 -23.57
N LEU A 359 12.53 2.47 -23.11
CA LEU A 359 13.94 2.52 -22.75
C LEU A 359 14.09 3.23 -21.42
N THR A 360 14.84 2.62 -20.49
CA THR A 360 15.14 3.21 -19.20
C THR A 360 16.58 2.90 -18.83
N LEU A 361 17.39 3.95 -18.70
CA LEU A 361 18.83 3.80 -18.43
C LEU A 361 19.21 4.69 -17.26
N GLY A 362 20.14 4.19 -16.43
CA GLY A 362 20.59 4.94 -15.27
C GLY A 362 22.08 5.20 -15.27
N SER A 363 22.46 6.47 -15.07
CA SER A 363 23.86 6.89 -14.98
C SER A 363 24.63 6.61 -16.27
N PHE A 364 23.93 6.55 -17.40
CA PHE A 364 24.58 6.37 -18.69
C PHE A 364 25.00 7.73 -19.23
N GLN A 365 26.28 7.90 -19.49
CA GLN A 365 26.82 9.18 -19.89
C GLN A 365 27.06 9.22 -21.39
N GLY A 366 26.80 10.39 -21.98
CA GLY A 366 27.01 10.57 -23.41
C GLY A 366 26.11 9.78 -24.31
N LEU A 367 24.82 9.66 -23.96
CA LEU A 367 23.90 8.93 -24.82
C LEU A 367 23.53 9.72 -26.06
N CYS A 368 23.27 11.02 -25.92
CA CYS A 368 22.97 11.87 -27.07
C CYS A 368 23.78 13.15 -26.92
N LYS A 369 24.60 13.45 -27.92
CA LYS A 369 25.41 14.65 -27.90
C LYS A 369 25.01 15.66 -28.97
N ALA A 370 24.43 15.20 -30.09
CA ALA A 370 24.19 16.05 -31.26
C ALA A 370 25.50 16.69 -31.72
N SER A 371 26.60 15.94 -31.62
CA SER A 371 27.93 16.45 -31.91
C SER A 371 28.35 16.26 -33.37
N TRP A 372 27.48 15.73 -34.21
CA TRP A 372 27.76 15.55 -35.62
C TRP A 372 26.56 16.00 -36.46
N LEU A 373 26.79 16.10 -37.76
CA LEU A 373 25.74 16.52 -38.67
C LEU A 373 24.54 15.58 -38.61
N HIS A 374 24.74 14.35 -38.16
CA HIS A 374 23.68 13.38 -38.02
C HIS A 374 23.27 13.24 -36.56
N LEU A 375 22.03 12.78 -36.37
CA LEU A 375 21.57 12.46 -35.02
C LEU A 375 22.45 11.35 -34.44
N ASP A 376 22.70 11.44 -33.13
CA ASP A 376 23.64 10.53 -32.50
C ASP A 376 22.99 9.84 -31.31
N GLY A 377 23.41 8.60 -31.08
CA GLY A 377 22.94 7.86 -29.91
C GLY A 377 21.45 7.64 -29.97
N VAL A 378 20.77 8.08 -28.90
CA VAL A 378 19.33 7.87 -28.81
C VAL A 378 18.58 8.77 -29.80
N ALA A 379 19.23 9.82 -30.30
CA ALA A 379 18.58 10.70 -31.26
C ALA A 379 18.21 10.01 -32.56
N VAL A 380 18.80 8.84 -32.84
CA VAL A 380 18.43 8.09 -34.04
C VAL A 380 17.25 7.17 -33.81
N CYS A 381 17.01 6.74 -32.57
CA CYS A 381 15.96 5.76 -32.28
C CYS A 381 14.59 6.43 -32.40
N GLY A 382 14.22 6.72 -33.65
CA GLY A 382 12.98 7.41 -33.93
C GLY A 382 11.73 6.64 -33.57
N GLY A 383 11.83 5.32 -33.45
CA GLY A 383 10.70 4.50 -33.04
C GLY A 383 10.43 4.48 -31.56
N LEU A 384 11.18 5.26 -30.80
CA LEU A 384 10.97 5.32 -29.35
C LEU A 384 9.76 6.16 -29.01
N GLU A 385 8.95 5.66 -28.08
CA GLU A 385 7.83 6.40 -27.51
C GLU A 385 8.01 6.68 -26.03
N SER A 386 8.85 5.89 -25.35
CA SER A 386 9.10 6.02 -23.93
C SER A 386 10.58 6.31 -23.72
N LEU A 387 10.89 7.21 -22.79
CA LEU A 387 12.27 7.60 -22.53
C LEU A 387 12.38 8.19 -21.13
N TYR A 388 13.07 7.49 -20.24
CA TYR A 388 13.41 7.96 -18.90
C TYR A 388 14.92 7.86 -18.72
N MET A 389 15.52 8.89 -18.13
CA MET A 389 16.97 8.94 -17.92
C MET A 389 17.28 9.20 -16.46
N LYS A 390 18.33 8.54 -15.96
CA LYS A 390 18.87 8.78 -14.62
C LYS A 390 20.35 9.09 -14.71
N ASN A 391 20.75 10.17 -14.05
CA ASN A 391 22.16 10.53 -13.86
C ASN A 391 22.90 10.64 -15.20
N CYS A 392 22.31 11.38 -16.13
CA CYS A 392 23.03 11.75 -17.35
C CYS A 392 23.64 13.13 -17.10
N GLN A 393 24.87 13.12 -16.57
CA GLN A 393 25.52 14.35 -16.15
C GLN A 393 25.92 15.25 -17.30
N ASP A 394 25.88 14.75 -18.54
CA ASP A 394 26.38 15.49 -19.69
C ASP A 394 25.33 15.65 -20.79
N LEU A 395 24.05 15.63 -20.45
CA LEU A 395 22.99 15.83 -21.45
C LEU A 395 22.73 17.33 -21.63
N THR A 396 22.65 17.77 -22.88
CA THR A 396 22.56 19.18 -23.20
C THR A 396 21.23 19.49 -23.90
N ASP A 397 21.00 20.79 -24.10
CA ASP A 397 19.82 21.23 -24.84
C ASP A 397 19.91 20.82 -26.31
N ALA A 398 21.10 20.87 -26.90
CA ALA A 398 21.26 20.37 -28.27
C ALA A 398 20.96 18.88 -28.34
N SER A 399 21.34 18.13 -27.31
CA SER A 399 20.96 16.72 -27.23
C SER A 399 19.45 16.58 -27.20
N LEU A 400 18.78 17.45 -26.45
CA LEU A 400 17.32 17.42 -26.38
C LEU A 400 16.69 17.67 -27.75
N ALA A 401 17.22 18.66 -28.47
CA ALA A 401 16.70 18.96 -29.81
C ALA A 401 16.94 17.79 -30.76
N ALA A 402 18.12 17.17 -30.69
CA ALA A 402 18.40 16.03 -31.55
C ALA A 402 17.45 14.88 -31.25
N ILE A 403 17.19 14.63 -29.97
CA ILE A 403 16.26 13.57 -29.58
C ILE A 403 14.86 13.88 -30.09
N GLY A 404 14.41 15.12 -29.90
CA GLY A 404 13.09 15.51 -30.36
C GLY A 404 12.92 15.39 -31.86
N ARG A 405 13.96 15.76 -32.62
CA ARG A 405 13.89 15.60 -34.07
C ARG A 405 13.92 14.13 -34.47
N GLY A 406 14.66 13.30 -33.74
CA GLY A 406 14.70 11.89 -34.04
C GLY A 406 13.52 11.14 -33.46
N CYS A 407 13.36 11.21 -32.14
CA CYS A 407 12.28 10.51 -31.46
C CYS A 407 11.00 11.34 -31.51
N ARG A 408 10.54 11.60 -32.73
CA ARG A 408 9.28 12.32 -32.91
C ARG A 408 8.08 11.53 -32.40
N ARG A 409 8.24 10.24 -32.19
CA ARG A 409 7.18 9.39 -31.67
C ARG A 409 7.24 9.28 -30.16
N LEU A 410 8.19 9.97 -29.53
CA LEU A 410 8.31 9.98 -28.08
C LEU A 410 7.05 10.57 -27.46
N ALA A 411 6.39 9.80 -26.61
CA ALA A 411 5.20 10.26 -25.92
C ALA A 411 5.45 10.61 -24.46
N LYS A 412 6.32 9.87 -23.79
CA LYS A 412 6.67 10.15 -22.39
C LYS A 412 8.16 10.40 -22.29
N PHE A 413 8.53 11.48 -21.62
CA PHE A 413 9.92 11.90 -21.50
C PHE A 413 10.30 12.01 -20.02
N GLY A 414 11.55 11.69 -19.70
CA GLY A 414 12.00 11.75 -18.33
C GLY A 414 13.50 11.89 -18.21
N ILE A 415 13.92 12.78 -17.31
CA ILE A 415 15.33 13.00 -16.99
C ILE A 415 15.49 13.05 -15.48
N HIS A 416 16.54 12.41 -14.99
CA HIS A 416 16.88 12.43 -13.57
C HIS A 416 18.39 12.57 -13.45
N GLY A 417 18.84 13.47 -12.59
CA GLY A 417 20.26 13.72 -12.47
C GLY A 417 20.89 14.28 -13.72
N CYS A 418 20.14 15.08 -14.48
CA CYS A 418 20.65 15.73 -15.69
C CYS A 418 20.83 17.22 -15.36
N ASP A 419 22.02 17.55 -14.86
CA ASP A 419 22.26 18.90 -14.35
C ASP A 419 22.45 19.94 -15.45
N LEU A 420 22.81 19.53 -16.66
CA LEU A 420 23.11 20.47 -17.72
C LEU A 420 21.90 20.86 -18.55
N VAL A 421 20.71 20.35 -18.22
CA VAL A 421 19.51 20.65 -18.98
C VAL A 421 18.91 21.97 -18.48
N THR A 422 18.62 22.87 -19.41
CA THR A 422 18.04 24.16 -19.09
C THR A 422 16.58 24.19 -19.52
N SER A 423 15.89 25.26 -19.12
CA SER A 423 14.50 25.46 -19.53
C SER A 423 14.38 25.67 -21.03
N ALA A 424 15.44 26.17 -21.68
CA ALA A 424 15.39 26.37 -23.13
C ALA A 424 15.27 25.05 -23.86
N GLY A 425 16.12 24.07 -23.51
CA GLY A 425 16.03 22.77 -24.15
C GLY A 425 14.74 22.05 -23.84
N ILE A 426 14.26 22.20 -22.60
CA ILE A 426 12.98 21.59 -22.21
C ILE A 426 11.85 22.15 -23.05
N ARG A 427 11.83 23.47 -23.20
CA ARG A 427 10.80 24.12 -23.99
C ARG A 427 10.90 23.71 -25.46
N ARG A 428 12.12 23.60 -25.97
CA ARG A 428 12.32 23.14 -27.35
C ARG A 428 11.79 21.72 -27.54
N LEU A 429 12.09 20.83 -26.60
CA LEU A 429 11.61 19.45 -26.72
C LEU A 429 10.09 19.39 -26.62
N ALA A 430 9.51 20.18 -25.71
CA ALA A 430 8.06 20.21 -25.59
C ALA A 430 7.42 20.70 -26.88
N PHE A 431 7.97 21.76 -27.48
CA PHE A 431 7.43 22.25 -28.74
C PHE A 431 7.58 21.22 -29.84
N THR A 432 8.75 20.59 -29.95
CA THR A 432 8.99 19.63 -31.03
C THR A 432 8.08 18.41 -30.91
N LEU A 433 7.91 17.89 -29.70
CA LEU A 433 7.09 16.72 -29.46
C LEU A 433 5.68 17.08 -29.04
N ARG A 434 5.27 18.33 -29.24
CA ARG A 434 3.96 18.79 -28.77
C ARG A 434 2.80 17.90 -29.19
N PRO A 435 2.65 17.50 -30.47
CA PRO A 435 1.57 16.56 -30.79
C PRO A 435 1.69 15.23 -30.08
N THR A 436 2.91 14.76 -29.82
CA THR A 436 3.13 13.44 -29.26
C THR A 436 3.46 13.44 -27.77
N LEU A 437 4.16 14.44 -27.27
CA LEU A 437 4.53 14.46 -25.86
C LEU A 437 3.30 14.68 -25.00
N LYS A 438 3.07 13.77 -24.06
CA LYS A 438 1.90 13.84 -23.19
C LYS A 438 2.31 13.72 -21.74
N GLU A 439 3.48 13.10 -21.49
CA GLU A 439 4.00 12.90 -20.14
C GLU A 439 5.44 13.36 -20.09
N VAL A 440 5.79 14.10 -19.04
CA VAL A 440 7.14 14.60 -18.81
C VAL A 440 7.52 14.36 -17.35
N THR A 441 8.76 13.91 -17.13
CA THR A 441 9.27 13.67 -15.78
C THR A 441 10.59 14.41 -15.61
N VAL A 442 10.68 15.24 -14.58
CA VAL A 442 11.90 15.97 -14.23
C VAL A 442 12.10 15.77 -12.73
N LEU A 443 13.25 15.21 -12.35
CA LEU A 443 13.57 15.01 -10.94
C LEU A 443 15.00 15.46 -10.67
N HIS A 444 15.15 16.36 -9.69
CA HIS A 444 16.45 16.77 -9.16
C HIS A 444 17.36 17.31 -10.26
N CYS A 445 16.79 18.12 -11.15
CA CYS A 445 17.57 18.87 -12.13
C CYS A 445 17.94 20.20 -11.51
N ARG A 446 19.24 20.48 -11.45
CA ARG A 446 19.74 21.59 -10.65
C ARG A 446 19.32 22.95 -11.20
N LEU A 447 19.46 23.15 -12.51
CA LEU A 447 19.05 24.40 -13.14
C LEU A 447 17.55 24.51 -13.33
N LEU A 448 16.86 23.37 -13.41
CA LEU A 448 15.44 23.34 -13.75
C LEU A 448 14.64 23.44 -12.46
N HIS A 449 14.32 24.68 -12.08
CA HIS A 449 13.45 24.92 -10.95
C HIS A 449 11.99 24.83 -11.39
N THR A 450 11.08 24.90 -10.41
CA THR A 450 9.68 24.62 -10.68
C THR A 450 9.07 25.62 -11.66
N ALA A 451 9.27 26.92 -11.41
CA ALA A 451 8.63 27.94 -12.25
C ALA A 451 9.17 27.90 -13.68
N GLU A 452 10.49 27.78 -13.83
CA GLU A 452 11.08 27.72 -15.17
C GLU A 452 10.56 26.51 -15.94
N CYS A 453 10.51 25.35 -15.28
CA CYS A 453 10.04 24.14 -15.95
C CYS A 453 8.57 24.26 -16.35
N LEU A 454 7.74 24.80 -15.45
CA LEU A 454 6.33 24.97 -15.78
C LEU A 454 6.14 25.96 -16.92
N THR A 455 6.95 27.02 -16.95
CA THR A 455 6.89 27.97 -18.06
C THR A 455 7.32 27.33 -19.37
N ALA A 456 8.35 26.48 -19.33
CA ALA A 456 8.87 25.87 -20.55
C ALA A 456 7.91 24.85 -21.13
N LEU A 457 6.95 24.38 -20.34
CA LEU A 457 6.01 23.35 -20.80
C LEU A 457 4.72 23.93 -21.36
N SER A 458 4.66 25.22 -21.63
CA SER A 458 3.46 25.82 -22.20
C SER A 458 3.01 25.19 -23.52
N PRO A 459 3.88 24.84 -24.48
CA PRO A 459 3.36 24.25 -25.73
C PRO A 459 2.55 22.99 -25.52
N ILE A 460 2.94 22.12 -24.58
CA ILE A 460 2.23 20.88 -24.34
C ILE A 460 1.34 20.95 -23.11
N ARG A 461 1.19 22.15 -22.53
CA ARG A 461 0.40 22.27 -21.31
C ARG A 461 -1.05 21.91 -21.56
N ASP A 462 -1.55 22.15 -22.76
CA ASP A 462 -2.89 21.75 -23.15
C ASP A 462 -3.01 20.26 -23.43
N ARG A 463 -1.89 19.56 -23.55
CA ARG A 463 -1.90 18.17 -24.00
C ARG A 463 -1.35 17.26 -22.93
N ILE A 464 -0.54 17.84 -22.02
CA ILE A 464 0.08 17.05 -20.96
C ILE A 464 -0.99 16.46 -20.07
N GLU A 465 -0.77 15.22 -19.64
CA GLU A 465 -1.76 14.46 -18.88
C GLU A 465 -1.27 14.04 -17.50
N SER A 466 0.01 13.69 -17.37
CA SER A 466 0.59 13.31 -16.10
C SER A 466 1.92 14.03 -15.92
N LEU A 467 2.24 14.37 -14.68
CA LEU A 467 3.45 15.15 -14.38
C LEU A 467 4.08 14.67 -13.09
N GLU A 468 5.41 14.58 -13.09
CA GLU A 468 6.20 14.25 -11.90
C GLU A 468 7.30 15.28 -11.76
N ILE A 469 7.48 15.81 -10.55
CA ILE A 469 8.47 16.86 -10.32
C ILE A 469 8.95 16.81 -8.87
N ASN A 470 10.23 17.10 -8.68
CA ASN A 470 10.75 17.42 -7.36
C ASN A 470 10.71 18.93 -7.19
N CYS A 471 10.17 19.38 -6.08
CA CYS A 471 9.93 20.80 -5.89
C CYS A 471 11.19 21.48 -5.35
N VAL A 472 11.67 22.48 -6.08
CA VAL A 472 12.76 23.33 -5.64
C VAL A 472 12.25 24.77 -5.70
N TRP A 473 12.05 25.38 -4.53
CA TRP A 473 11.57 26.75 -4.46
C TRP A 473 12.76 27.70 -4.41
N ASN A 474 12.76 28.69 -5.30
CA ASN A 474 13.75 29.75 -5.24
C ASN A 474 13.42 30.70 -4.11
N THR A 475 14.44 31.38 -3.60
CA THR A 475 14.29 32.27 -2.45
C THR A 475 13.36 33.43 -2.75
N GLU A 512 4.30 40.69 -18.04
CA GLU A 512 2.85 40.66 -17.86
C GLU A 512 2.37 39.34 -17.29
N PHE A 513 1.17 39.37 -16.71
CA PHE A 513 0.47 38.13 -16.34
C PHE A 513 -0.09 37.48 -17.59
N ASP A 514 0.75 36.81 -18.37
CA ASP A 514 0.29 36.06 -19.53
C ASP A 514 -0.61 34.92 -19.09
N ASP A 515 -1.68 34.69 -19.85
CA ASP A 515 -2.67 33.69 -19.46
C ASP A 515 -2.12 32.28 -19.64
N LEU A 516 -1.54 31.73 -18.58
CA LEU A 516 -1.04 30.36 -18.58
C LEU A 516 -2.21 29.39 -18.52
N GLY A 517 -2.45 28.67 -19.62
CA GLY A 517 -3.64 27.84 -19.73
C GLY A 517 -3.82 26.80 -18.65
N SER A 518 -5.07 26.49 -18.31
CA SER A 518 -5.35 25.44 -17.35
C SER A 518 -4.86 24.10 -17.87
N TRP A 519 -4.49 23.22 -16.95
CA TRP A 519 -3.94 21.92 -17.31
C TRP A 519 -5.09 21.01 -17.75
N GLU A 520 -5.50 21.23 -19.00
CA GLU A 520 -6.79 20.72 -19.48
C GLU A 520 -6.78 19.20 -19.61
N MET A 521 -5.63 18.60 -19.82
CA MET A 521 -5.54 17.15 -19.89
C MET A 521 -4.77 16.57 -18.73
N LEU A 522 -4.18 17.40 -17.87
CA LEU A 522 -3.41 16.92 -16.72
C LEU A 522 -4.37 16.33 -15.69
N ARG A 523 -4.38 15.00 -15.60
CA ARG A 523 -5.23 14.28 -14.66
C ARG A 523 -4.46 13.75 -13.46
N SER A 524 -3.15 13.55 -13.58
CA SER A 524 -2.33 12.98 -12.53
C SER A 524 -1.10 13.85 -12.31
N LEU A 525 -0.67 13.95 -11.06
CA LEU A 525 0.51 14.73 -10.70
C LEU A 525 1.30 13.98 -9.63
N SER A 526 2.61 13.96 -9.77
CA SER A 526 3.51 13.41 -8.77
C SER A 526 4.41 14.50 -8.23
N LEU A 527 4.53 14.58 -6.91
CA LEU A 527 5.27 15.65 -6.26
C LEU A 527 6.33 15.07 -5.35
N TRP A 528 7.53 15.65 -5.41
CA TRP A 528 8.65 15.28 -4.55
C TRP A 528 9.05 16.49 -3.74
N PHE A 529 9.08 16.34 -2.42
CA PHE A 529 9.35 17.45 -1.51
C PHE A 529 10.47 17.11 -0.57
N SER A 530 11.38 18.06 -0.37
CA SER A 530 12.36 17.95 0.70
C SER A 530 11.67 18.13 2.04
N ALA A 531 12.28 17.60 3.09
CA ALA A 531 11.71 17.71 4.42
C ALA A 531 11.62 19.17 4.84
N GLY A 532 10.45 19.58 5.30
CA GLY A 532 10.20 20.96 5.67
C GLY A 532 9.79 21.87 4.53
N GLN A 533 9.77 21.36 3.31
CA GLN A 533 9.41 22.19 2.16
C GLN A 533 7.90 22.43 2.12
N LEU A 534 7.51 23.55 1.52
CA LEU A 534 6.12 23.96 1.49
C LEU A 534 5.49 23.65 0.13
N LEU A 535 4.26 23.15 0.18
CA LEU A 535 3.49 22.86 -1.03
C LEU A 535 2.82 24.10 -1.60
N SER A 536 2.58 25.10 -0.77
CA SER A 536 1.89 26.31 -1.21
C SER A 536 2.50 26.97 -2.45
N PRO A 537 3.82 27.09 -2.59
CA PRO A 537 4.37 27.74 -3.79
C PRO A 537 4.05 27.01 -5.10
N LEU A 538 3.59 25.76 -5.06
CA LEU A 538 3.32 25.02 -6.29
C LEU A 538 2.21 25.67 -7.10
N ILE A 539 1.15 26.12 -6.42
CA ILE A 539 0.04 26.75 -7.12
C ILE A 539 0.51 28.02 -7.82
N SER A 540 1.37 28.78 -7.16
CA SER A 540 1.91 30.00 -7.75
C SER A 540 2.90 29.70 -8.89
N ALA A 541 3.61 28.59 -8.82
CA ALA A 541 4.63 28.28 -9.84
C ALA A 541 4.04 28.07 -11.22
N GLY A 542 2.73 27.83 -11.33
CA GLY A 542 2.10 27.58 -12.60
C GLY A 542 1.03 26.51 -12.53
N LEU A 543 0.92 25.85 -11.37
CA LEU A 543 -0.05 24.77 -11.17
C LEU A 543 -1.24 25.24 -10.33
N ASP A 544 -2.08 26.12 -10.89
CA ASP A 544 -3.23 26.61 -10.14
C ASP A 544 -4.53 25.94 -10.60
N SER A 545 -4.79 25.89 -11.90
CA SER A 545 -6.04 25.38 -12.45
C SER A 545 -5.76 24.07 -13.17
N CYS A 546 -6.22 22.96 -12.57
CA CYS A 546 -6.15 21.64 -13.19
C CYS A 546 -7.54 21.05 -13.11
N PRO A 547 -8.44 21.46 -14.01
CA PRO A 547 -9.84 21.03 -13.92
C PRO A 547 -10.02 19.53 -14.02
N VAL A 548 -9.13 18.82 -14.72
CA VAL A 548 -9.28 17.39 -14.92
C VAL A 548 -8.33 16.60 -14.01
N LEU A 549 -7.68 17.28 -13.06
CA LEU A 549 -6.73 16.62 -12.17
C LEU A 549 -7.50 15.70 -11.22
N GLU A 550 -7.33 14.40 -11.39
CA GLU A 550 -8.11 13.42 -10.65
C GLU A 550 -7.32 12.82 -9.49
N GLU A 551 -6.05 12.49 -9.68
CA GLU A 551 -5.24 11.86 -8.65
C GLU A 551 -3.90 12.58 -8.53
N ILE A 552 -3.31 12.52 -7.34
CA ILE A 552 -2.02 13.15 -7.06
C ILE A 552 -1.29 12.35 -5.99
N SER A 553 0.03 12.31 -6.09
CA SER A 553 0.88 11.71 -5.07
C SER A 553 1.91 12.73 -4.65
N ILE A 554 2.13 12.84 -3.34
CA ILE A 554 3.14 13.73 -2.78
C ILE A 554 4.12 12.88 -2.00
N LYS A 555 5.39 12.98 -2.36
CA LYS A 555 6.46 12.30 -1.65
C LYS A 555 7.29 13.34 -0.91
N VAL A 556 7.51 13.12 0.39
CA VAL A 556 8.31 14.00 1.22
C VAL A 556 9.53 13.23 1.68
N GLU A 557 10.71 13.71 1.32
CA GLU A 557 11.97 13.05 1.61
C GLU A 557 12.84 13.96 2.46
N GLY A 558 13.65 13.36 3.32
CA GLY A 558 14.59 14.10 4.14
C GLY A 558 14.47 13.73 5.62
N ASP A 559 15.52 14.08 6.35
CA ASP A 559 15.59 13.84 7.79
C ASP A 559 15.01 15.06 8.50
N CYS A 560 13.81 14.89 9.07
CA CYS A 560 13.16 16.00 9.76
C CYS A 560 13.90 16.40 11.03
N ARG A 561 14.68 15.50 11.62
CA ARG A 561 15.41 15.81 12.84
C ARG A 561 16.45 16.88 12.62
N THR A 562 17.18 16.81 11.50
CA THR A 562 18.15 17.83 11.14
C THR A 562 17.49 19.11 10.64
N CYS A 563 16.27 19.02 10.11
CA CYS A 563 15.58 20.20 9.66
C CYS A 563 15.19 21.08 10.85
N PRO A 564 15.30 22.39 10.72
CA PRO A 564 14.88 23.27 11.82
C PRO A 564 13.37 23.16 12.04
N ARG A 565 12.96 23.38 13.28
CA ARG A 565 11.54 23.37 13.59
C ARG A 565 10.85 24.55 12.91
N PRO A 566 9.87 24.31 12.04
CA PRO A 566 9.11 25.43 11.48
C PRO A 566 8.26 26.09 12.56
N ALA A 567 7.72 27.25 12.22
CA ALA A 567 6.86 27.96 13.16
C ALA A 567 5.65 27.11 13.51
N PRO A 568 5.07 27.27 14.71
CA PRO A 568 3.93 26.42 15.10
C PRO A 568 2.75 26.52 14.15
N ARG A 569 2.63 27.61 13.39
CA ARG A 569 1.53 27.77 12.44
C ARG A 569 1.89 27.36 11.02
N THR A 570 3.11 26.88 10.78
CA THR A 570 3.51 26.48 9.44
C THR A 570 2.79 25.19 9.05
N ILE A 571 2.30 25.12 7.81
CA ILE A 571 1.66 23.93 7.27
C ILE A 571 2.27 23.63 5.91
N PHE A 572 2.11 22.36 5.49
CA PHE A 572 2.58 21.96 4.18
C PHE A 572 1.84 22.70 3.07
N GLY A 573 0.52 22.84 3.23
CA GLY A 573 -0.28 23.53 2.24
C GLY A 573 -1.24 22.63 1.50
N LEU A 574 -1.75 21.60 2.19
CA LEU A 574 -2.70 20.69 1.56
C LEU A 574 -3.98 21.39 1.16
N SER A 575 -4.43 22.35 1.97
CA SER A 575 -5.63 23.11 1.64
C SER A 575 -5.48 23.88 0.35
N ASP A 576 -4.26 24.21 -0.06
CA ASP A 576 -4.04 24.99 -1.26
C ASP A 576 -4.40 24.22 -2.53
N LEU A 577 -4.55 22.90 -2.44
CA LEU A 577 -4.87 22.08 -3.62
C LEU A 577 -6.36 21.94 -3.86
N ALA A 578 -7.20 22.58 -3.04
CA ALA A 578 -8.64 22.42 -3.19
C ALA A 578 -9.16 23.01 -4.50
N GLY A 579 -8.34 23.80 -5.20
CA GLY A 579 -8.77 24.41 -6.45
C GLY A 579 -8.95 23.43 -7.58
N PHE A 580 -8.60 22.16 -7.37
CA PHE A 580 -8.74 21.14 -8.40
C PHE A 580 -10.07 20.42 -8.19
N PRO A 581 -11.01 20.49 -9.13
CA PRO A 581 -12.39 20.08 -8.81
C PRO A 581 -12.59 18.58 -8.73
N VAL A 582 -11.97 17.80 -9.60
CA VAL A 582 -12.18 16.37 -9.62
C VAL A 582 -11.09 15.64 -8.84
N LEU A 583 -10.43 16.34 -7.92
CA LEU A 583 -9.37 15.77 -7.10
C LEU A 583 -9.98 14.76 -6.13
N ALA A 584 -9.72 13.47 -6.38
CA ALA A 584 -10.33 12.39 -5.61
C ALA A 584 -9.34 11.47 -4.92
N LYS A 585 -8.22 11.15 -5.57
CA LYS A 585 -7.27 10.18 -5.05
C LYS A 585 -6.03 10.88 -4.52
N MET A 586 -5.60 10.48 -3.32
CA MET A 586 -4.42 11.04 -2.69
C MET A 586 -3.44 9.93 -2.33
N LYS A 587 -2.15 10.21 -2.50
CA LYS A 587 -1.08 9.30 -2.12
C LYS A 587 0.02 10.11 -1.45
N LEU A 588 -0.07 10.29 -0.14
CA LEU A 588 0.91 11.04 0.63
C LEU A 588 1.84 10.04 1.30
N ASP A 589 3.04 9.91 0.76
CA ASP A 589 4.05 9.00 1.28
C ASP A 589 5.00 9.80 2.16
N LEU A 590 4.93 9.56 3.46
CA LEU A 590 5.86 10.15 4.42
C LEU A 590 6.66 9.10 5.18
N SER A 591 6.57 7.84 4.77
CA SER A 591 7.35 6.80 5.45
C SER A 591 8.85 7.09 5.39
N GLU A 592 9.32 7.66 4.29
CA GLU A 592 10.71 8.09 4.19
C GLU A 592 11.02 9.28 5.07
N ALA A 593 10.01 10.04 5.49
CA ALA A 593 10.22 11.12 6.43
C ALA A 593 10.52 10.49 7.78
N VAL A 594 11.77 10.53 8.20
CA VAL A 594 12.22 9.94 9.44
C VAL A 594 12.48 11.04 10.45
N GLY A 595 11.81 10.96 11.59
CA GLY A 595 12.04 11.90 12.67
C GLY A 595 11.85 11.22 14.01
N TYR A 596 12.21 11.91 15.09
CA TYR A 596 11.89 11.43 16.43
C TYR A 596 10.38 11.34 16.53
N ALA A 597 9.85 10.13 16.44
CA ALA A 597 8.43 9.94 16.23
C ALA A 597 7.59 10.56 17.35
N LEU A 598 8.13 10.58 18.57
CA LEU A 598 7.34 10.89 19.74
C LEU A 598 7.98 11.93 20.66
N THR A 599 9.29 12.09 20.62
CA THR A 599 9.93 13.18 21.36
C THR A 599 11.25 13.57 20.74
N ALA A 600 11.37 14.82 20.34
CA ALA A 600 12.62 15.36 19.84
C ALA A 600 13.33 16.15 20.94
N PRO A 601 14.66 16.22 20.90
CA PRO A 601 15.37 17.10 21.83
C PRO A 601 14.91 18.55 21.67
N THR A 602 15.14 19.35 22.70
CA THR A 602 14.68 20.74 22.73
C THR A 602 15.14 21.48 21.49
N GLY A 603 14.17 22.10 20.79
CA GLY A 603 14.43 22.82 19.56
C GLY A 603 14.03 22.09 18.29
N GLN A 604 13.74 20.79 18.39
CA GLN A 604 13.34 19.99 17.23
C GLN A 604 11.87 19.56 17.37
N MET A 605 11.39 18.90 16.33
CA MET A 605 9.95 18.69 16.14
C MET A 605 9.65 17.20 16.00
N ASP A 606 8.67 16.72 16.76
CA ASP A 606 8.35 15.30 16.75
C ASP A 606 7.45 14.95 15.57
N LEU A 607 7.38 13.64 15.27
CA LEU A 607 6.60 13.20 14.13
C LEU A 607 5.10 13.36 14.38
N SER A 608 4.68 13.49 15.63
CA SER A 608 3.30 13.86 15.90
C SER A 608 3.00 15.25 15.34
N LEU A 609 3.81 16.23 15.71
CA LEU A 609 3.68 17.57 15.17
C LEU A 609 3.96 17.59 13.68
N TRP A 610 4.86 16.72 13.21
CA TRP A 610 5.13 16.65 11.78
C TRP A 610 3.91 16.17 11.02
N GLU A 611 3.20 15.18 11.55
CA GLU A 611 1.96 14.72 10.94
C GLU A 611 0.92 15.83 10.95
N ARG A 612 0.85 16.58 12.04
CA ARG A 612 -0.05 17.74 12.06
C ARG A 612 0.33 18.75 10.99
N PHE A 613 1.63 18.99 10.82
CA PHE A 613 2.11 19.96 9.84
C PHE A 613 1.78 19.53 8.42
N TYR A 614 2.08 18.28 8.08
CA TYR A 614 1.91 17.81 6.71
C TYR A 614 0.45 17.60 6.35
N LEU A 615 -0.33 17.00 7.26
CA LEU A 615 -1.70 16.62 6.95
C LEU A 615 -2.69 17.76 7.14
N HIS A 616 -2.23 18.94 7.56
CA HIS A 616 -3.13 20.04 7.81
C HIS A 616 -3.72 20.55 6.49
N GLY A 617 -5.02 20.82 6.49
CA GLY A 617 -5.72 21.25 5.30
C GLY A 617 -6.17 20.15 4.37
N ILE A 618 -6.03 18.88 4.77
CA ILE A 618 -6.46 17.78 3.92
C ILE A 618 -7.98 17.76 3.78
N GLU A 619 -8.70 18.20 4.81
CA GLU A 619 -10.15 18.24 4.77
C GLU A 619 -10.68 19.20 3.72
N SER A 620 -9.84 20.09 3.20
CA SER A 620 -10.25 21.00 2.15
C SER A 620 -10.58 20.27 0.86
N LEU A 621 -10.11 19.03 0.70
CA LEU A 621 -10.35 18.26 -0.52
C LEU A 621 -11.75 17.67 -0.46
N GLN A 622 -12.70 18.39 -1.07
CA GLN A 622 -14.10 18.02 -1.01
C GLN A 622 -14.37 16.71 -1.74
N THR A 623 -13.79 16.53 -2.92
CA THR A 623 -13.99 15.33 -3.72
C THR A 623 -12.99 14.25 -3.37
N LEU A 624 -12.19 14.45 -2.33
CA LEU A 624 -11.18 13.48 -1.93
C LEU A 624 -11.84 12.15 -1.68
N TYR A 625 -11.61 11.21 -2.57
CA TYR A 625 -12.26 9.91 -2.57
C TYR A 625 -11.35 8.79 -2.10
N GLU A 626 -10.05 8.88 -2.38
CA GLU A 626 -9.09 7.83 -2.06
C GLU A 626 -7.84 8.48 -1.49
N LEU A 627 -7.33 7.93 -0.40
CA LEU A 627 -6.10 8.41 0.23
C LEU A 627 -5.19 7.23 0.51
N ASP A 628 -3.94 7.34 0.08
CA ASP A 628 -2.90 6.36 0.40
C ASP A 628 -1.83 7.08 1.20
N TYR A 629 -1.66 6.70 2.47
CA TYR A 629 -0.74 7.39 3.36
C TYR A 629 0.33 6.45 3.87
N TRP A 630 1.55 6.96 3.98
CA TRP A 630 2.64 6.24 4.60
C TRP A 630 3.02 6.89 5.91
N PRO A 631 2.81 6.26 7.05
CA PRO A 631 3.24 6.83 8.32
C PRO A 631 4.75 7.01 8.31
N PRO A 632 5.23 8.11 8.87
CA PRO A 632 6.68 8.32 8.94
C PRO A 632 7.32 7.28 9.83
N GLN A 633 8.52 6.88 9.46
CA GLN A 633 9.22 5.85 10.20
C GLN A 633 10.29 6.48 11.10
N ASP A 634 10.37 5.99 12.32
CA ASP A 634 11.45 6.32 13.22
C ASP A 634 12.48 5.20 13.17
N LYS A 635 13.77 5.55 13.14
CA LYS A 635 14.77 4.49 13.04
C LYS A 635 14.73 3.59 14.27
N ASP A 636 14.44 4.17 15.43
CA ASP A 636 14.45 3.44 16.69
C ASP A 636 13.26 2.52 16.84
N VAL A 637 12.20 2.73 16.08
CA VAL A 637 11.00 1.92 16.14
C VAL A 637 10.82 1.24 14.80
N HIS A 638 10.65 -0.08 14.83
CA HIS A 638 10.45 -0.84 13.61
C HIS A 638 9.15 -0.45 12.92
N HIS A 639 8.32 0.32 13.60
CA HIS A 639 6.95 0.58 13.19
C HIS A 639 6.80 2.04 12.77
N ARG A 640 6.01 2.25 11.73
CA ARG A 640 5.58 3.59 11.34
C ARG A 640 4.24 3.82 12.01
N SER A 641 4.28 4.35 13.23
CA SER A 641 3.11 4.48 14.08
C SER A 641 2.43 5.82 13.82
N LEU A 642 1.10 5.81 13.77
CA LEU A 642 0.33 7.02 13.51
C LEU A 642 -0.03 7.70 14.83
N THR A 643 0.08 9.03 14.85
CA THR A 643 -0.21 9.79 16.04
C THR A 643 -1.64 10.33 15.99
N LEU A 644 -2.15 10.68 17.17
CA LEU A 644 -3.51 11.20 17.27
C LEU A 644 -3.77 12.47 16.44
N PRO A 645 -2.85 13.45 16.37
CA PRO A 645 -3.15 14.62 15.52
C PRO A 645 -3.48 14.24 14.09
N ALA A 646 -2.77 13.26 13.53
CA ALA A 646 -3.13 12.75 12.22
C ALA A 646 -4.51 12.13 12.22
N VAL A 647 -4.87 11.43 13.31
CA VAL A 647 -6.19 10.83 13.42
C VAL A 647 -7.26 11.92 13.30
N GLY A 648 -7.11 12.99 14.07
CA GLY A 648 -8.07 14.08 14.01
C GLY A 648 -8.08 14.78 12.67
N LEU A 649 -6.90 14.94 12.06
CA LEU A 649 -6.82 15.58 10.75
C LEU A 649 -7.56 14.79 9.68
N ILE A 650 -7.39 13.47 9.68
CA ILE A 650 -8.01 12.63 8.66
C ILE A 650 -9.50 12.46 8.93
N GLN A 651 -9.87 12.35 10.21
CA GLN A 651 -11.24 12.00 10.57
C GLN A 651 -12.25 13.01 10.03
N ARG A 652 -11.82 14.24 9.78
CA ARG A 652 -12.74 15.28 9.35
C ARG A 652 -12.93 15.32 7.84
N CYS A 653 -12.28 14.43 7.09
CA CYS A 653 -12.47 14.34 5.65
C CYS A 653 -13.65 13.40 5.38
N VAL A 654 -14.85 13.97 5.36
CA VAL A 654 -16.06 13.18 5.18
C VAL A 654 -16.13 12.56 3.80
N GLY A 655 -15.57 13.22 2.79
CA GLY A 655 -15.65 12.68 1.45
C GLY A 655 -14.75 11.49 1.19
N LEU A 656 -13.84 11.19 2.10
CA LEU A 656 -12.93 10.06 1.94
C LEU A 656 -13.68 8.74 1.95
N ARG A 657 -13.66 8.05 0.82
CA ARG A 657 -14.25 6.73 0.65
C ARG A 657 -13.28 5.60 0.94
N LYS A 658 -12.01 5.78 0.56
CA LYS A 658 -11.01 4.73 0.64
C LYS A 658 -9.79 5.27 1.36
N LEU A 659 -9.27 4.50 2.32
CA LEU A 659 -8.18 4.92 3.18
C LEU A 659 -7.23 3.76 3.39
N PHE A 660 -5.99 3.91 2.93
CA PHE A 660 -4.98 2.86 3.05
C PHE A 660 -3.77 3.42 3.79
N ILE A 661 -3.48 2.86 4.95
CA ILE A 661 -2.41 3.33 5.83
C ILE A 661 -1.31 2.29 5.82
N HIS A 662 -0.08 2.74 5.60
CA HIS A 662 1.03 1.83 5.39
C HIS A 662 1.90 1.72 6.64
N GLY A 663 1.25 1.33 7.73
CA GLY A 663 1.93 1.27 9.01
C GLY A 663 1.02 0.66 10.06
N THR A 664 1.10 1.22 11.27
CA THR A 664 0.36 0.72 12.42
C THR A 664 -0.04 1.89 13.32
N THR A 665 -0.93 1.60 14.27
CA THR A 665 -1.46 2.63 15.15
C THR A 665 -2.02 2.01 16.42
N HIS A 666 -2.55 2.89 17.28
CA HIS A 666 -3.14 2.46 18.55
C HIS A 666 -4.55 1.96 18.32
N GLU A 667 -5.01 1.07 19.21
CA GLU A 667 -6.37 0.57 19.09
C GLU A 667 -7.39 1.64 19.49
N HIS A 668 -6.97 2.58 20.33
CA HIS A 668 -7.89 3.61 20.83
C HIS A 668 -8.18 4.67 19.77
N PHE A 669 -7.33 4.80 18.75
CA PHE A 669 -7.57 5.71 17.64
C PHE A 669 -8.58 5.18 16.64
N MET A 670 -8.91 3.88 16.72
CA MET A 670 -9.65 3.24 15.65
C MET A 670 -11.11 3.68 15.61
N THR A 671 -11.74 3.84 16.77
CA THR A 671 -13.16 4.11 16.79
C THR A 671 -13.52 5.47 16.21
N PHE A 672 -12.54 6.38 16.12
CA PHE A 672 -12.83 7.71 15.60
C PHE A 672 -13.34 7.64 14.18
N PHE A 673 -12.78 6.74 13.39
CA PHE A 673 -13.02 6.73 11.95
C PHE A 673 -14.41 6.20 11.61
N LEU A 674 -15.04 5.46 12.52
CA LEU A 674 -16.43 5.09 12.33
C LEU A 674 -17.32 6.31 12.15
N SER A 675 -16.91 7.45 12.70
CA SER A 675 -17.59 8.72 12.47
C SER A 675 -17.56 9.15 11.02
N ILE A 676 -16.50 8.80 10.27
CA ILE A 676 -16.45 9.10 8.85
C ILE A 676 -17.56 8.28 8.20
N PRO A 677 -18.46 8.90 7.45
CA PRO A 677 -19.69 8.19 7.06
C PRO A 677 -19.47 7.08 6.04
N ASN A 678 -18.38 7.12 5.28
CA ASN A 678 -18.35 6.49 3.97
C ASN A 678 -17.22 5.49 3.75
N LEU A 679 -16.31 5.35 4.71
CA LEU A 679 -15.13 4.53 4.48
C LEU A 679 -15.44 3.05 4.67
N ARG A 680 -14.93 2.20 3.78
CA ARG A 680 -14.85 0.77 4.04
C ARG A 680 -13.45 0.21 3.88
N ASP A 681 -12.78 0.53 2.78
CA ASP A 681 -11.54 -0.12 2.38
C ASP A 681 -10.39 0.45 3.20
N MET A 682 -10.23 -0.05 4.41
CA MET A 682 -9.19 0.42 5.33
C MET A 682 -8.35 -0.76 5.76
N GLN A 683 -7.06 -0.75 5.43
CA GLN A 683 -6.17 -1.83 5.85
C GLN A 683 -4.79 -1.28 6.14
N LEU A 684 -4.31 -1.56 7.35
CA LEU A 684 -2.94 -1.25 7.74
C LEU A 684 -2.00 -2.19 7.01
N ARG A 685 -1.31 -1.67 6.00
CA ARG A 685 -0.42 -2.46 5.17
C ARG A 685 1.00 -2.16 5.60
N GLU A 686 1.56 -3.03 6.44
CA GLU A 686 2.97 -2.89 6.82
C GLU A 686 3.87 -3.43 5.72
N ASP A 687 3.59 -2.96 4.50
CA ASP A 687 4.17 -3.50 3.29
C ASP A 687 5.54 -2.91 3.05
N TYR A 688 6.39 -2.92 4.07
CA TYR A 688 7.74 -2.41 3.97
C TYR A 688 8.68 -3.40 4.66
N TYR A 689 9.74 -3.76 3.94
CA TYR A 689 10.62 -4.76 4.53
C TYR A 689 11.50 -4.14 5.60
N PRO A 690 11.63 -4.81 6.74
CA PRO A 690 10.96 -6.06 7.11
C PRO A 690 9.58 -5.77 7.68
N ALA A 691 8.55 -6.54 7.31
CA ALA A 691 7.28 -6.37 7.98
C ALA A 691 7.43 -6.78 9.43
N PRO A 692 7.12 -5.89 10.37
CA PRO A 692 7.29 -6.22 11.79
C PRO A 692 6.40 -7.40 12.18
N GLU A 693 6.91 -8.21 13.10
CA GLU A 693 6.17 -9.38 13.60
C GLU A 693 5.17 -8.90 14.64
N ASN A 694 3.91 -9.33 14.48
CA ASN A 694 2.85 -8.96 15.42
C ASN A 694 2.48 -10.13 16.31
N ASP A 695 3.10 -10.26 17.48
CA ASP A 695 2.83 -11.38 18.37
C ASP A 695 2.58 -10.88 19.80
N LEU A 696 1.35 -10.45 20.06
CA LEU A 696 0.83 -10.25 21.42
C LEU A 696 1.75 -9.44 22.34
N MET A 697 2.70 -8.69 21.79
CA MET A 697 3.69 -7.99 22.59
C MET A 697 3.63 -6.47 22.42
N PHE A 698 2.91 -5.98 21.43
CA PHE A 698 2.88 -4.56 21.11
C PHE A 698 1.52 -3.94 21.42
N THR A 699 1.57 -2.72 21.96
CA THR A 699 0.38 -1.91 22.22
C THR A 699 -0.32 -1.50 20.94
N GLU A 700 0.31 -1.70 19.79
CA GLU A 700 -0.23 -1.30 18.51
C GLU A 700 -1.34 -2.27 18.12
N MET A 701 -1.80 -2.17 16.88
CA MET A 701 -3.04 -2.82 16.46
C MET A 701 -2.94 -4.34 16.57
N ARG A 702 -4.01 -4.98 17.08
CA ARG A 702 -4.08 -6.43 17.20
C ARG A 702 -5.06 -7.02 16.20
N ALA A 703 -4.88 -8.31 15.90
CA ALA A 703 -5.66 -8.97 14.87
C ALA A 703 -7.12 -9.13 15.28
N GLU A 704 -7.38 -9.55 16.52
CA GLU A 704 -8.75 -9.70 16.97
C GLU A 704 -9.45 -8.36 17.03
N SER A 705 -8.76 -7.33 17.53
CA SER A 705 -9.30 -5.98 17.46
C SER A 705 -9.59 -5.59 16.02
N TRP A 706 -8.73 -6.03 15.09
CA TRP A 706 -8.92 -5.71 13.67
C TRP A 706 -10.19 -6.35 13.14
N LEU A 707 -10.41 -7.63 13.45
CA LEU A 707 -11.60 -8.32 12.97
C LEU A 707 -12.86 -7.71 13.57
N ARG A 708 -12.87 -7.45 14.88
CA ARG A 708 -14.07 -6.88 15.48
C ARG A 708 -14.32 -5.47 14.99
N PHE A 709 -13.25 -4.74 14.64
CA PHE A 709 -13.48 -3.39 14.13
C PHE A 709 -13.97 -3.43 12.69
N GLU A 710 -13.56 -4.44 11.92
CA GLU A 710 -14.16 -4.64 10.61
C GLU A 710 -15.64 -4.97 10.74
N VAL A 711 -16.00 -5.74 11.77
CA VAL A 711 -17.41 -5.97 12.07
C VAL A 711 -18.10 -4.65 12.39
N GLN A 712 -17.43 -3.80 13.18
CA GLN A 712 -17.98 -2.47 13.49
C GLN A 712 -18.22 -1.67 12.23
N LEU A 713 -17.24 -1.62 11.34
CA LEU A 713 -17.33 -0.78 10.15
C LEU A 713 -18.40 -1.30 9.20
N ASN A 714 -18.38 -2.61 8.90
CA ASN A 714 -19.41 -3.17 8.04
C ASN A 714 -20.76 -3.23 8.74
N SER A 715 -20.81 -2.95 10.04
CA SER A 715 -22.07 -2.83 10.74
C SER A 715 -22.78 -1.50 10.48
N ARG A 716 -22.04 -0.46 10.10
CA ARG A 716 -22.67 0.82 9.84
C ARG A 716 -23.49 0.73 8.57
N GLN A 717 -24.70 1.30 8.60
CA GLN A 717 -25.49 1.45 7.39
C GLN A 717 -24.76 2.47 6.52
N ILE A 718 -24.59 2.13 5.25
CA ILE A 718 -23.80 2.94 4.35
C ILE A 718 -24.69 3.50 3.26
N ASP A 719 -24.20 4.54 2.60
CA ASP A 719 -24.89 5.12 1.46
C ASP A 719 -24.86 4.14 0.29
N ASP A 720 -25.74 4.36 -0.68
CA ASP A 720 -25.88 3.44 -1.80
C ASP A 720 -25.37 4.03 -3.11
N SER B 52 -9.66 -14.27 38.32
CA SER B 52 -8.81 -15.46 38.40
C SER B 52 -7.44 -15.19 37.80
N GLY B 53 -6.47 -16.02 38.16
CA GLY B 53 -5.13 -15.84 37.65
C GLY B 53 -5.01 -16.12 36.16
N ALA B 54 -5.69 -17.17 35.69
CA ALA B 54 -5.52 -17.62 34.30
C ALA B 54 -6.01 -16.56 33.31
N LYS B 55 -7.19 -16.00 33.55
CA LYS B 55 -7.67 -14.94 32.66
C LYS B 55 -6.86 -13.67 32.87
N LEU B 56 -6.36 -13.43 34.07
CA LEU B 56 -5.50 -12.28 34.31
C LEU B 56 -4.22 -12.40 33.50
N LEU B 57 -3.80 -13.63 33.20
CA LEU B 57 -2.62 -13.83 32.36
C LEU B 57 -2.84 -13.22 30.98
N GLN B 58 -4.01 -13.48 30.39
CA GLN B 58 -4.39 -12.89 29.12
C GLN B 58 -4.62 -11.39 29.25
N ILE B 59 -5.31 -10.98 30.31
CA ILE B 59 -5.62 -9.57 30.53
C ILE B 59 -4.34 -8.78 30.73
N LEU B 60 -3.44 -9.27 31.59
CA LEU B 60 -2.20 -8.59 31.89
C LEU B 60 -1.06 -9.05 31.00
N ASN B 61 -1.38 -9.75 29.91
CA ASN B 61 -0.41 -10.11 28.88
C ASN B 61 0.75 -10.91 29.46
N VAL B 62 0.42 -11.87 30.33
CA VAL B 62 1.45 -12.66 30.98
C VAL B 62 1.98 -13.69 30.01
N ARG B 63 3.30 -13.70 29.85
CA ARG B 63 3.97 -14.52 28.84
C ARG B 63 5.16 -15.21 29.50
N VAL B 64 5.47 -16.43 29.07
CA VAL B 64 6.55 -17.22 29.64
C VAL B 64 7.64 -17.39 28.58
N VAL B 65 8.85 -16.92 28.89
CA VAL B 65 10.00 -17.02 28.00
C VAL B 65 11.22 -17.44 28.81
N GLY B 66 12.31 -17.72 28.08
CA GLY B 66 13.57 -18.02 28.71
C GLY B 66 13.66 -19.44 29.25
N SER B 67 14.82 -19.72 29.85
CA SER B 67 15.08 -21.02 30.44
C SER B 67 16.02 -20.87 31.63
N GLY B 68 15.87 -21.76 32.59
CA GLY B 68 16.68 -21.77 33.79
C GLY B 68 15.80 -22.01 35.00
N GLU B 69 16.37 -22.72 35.98
CA GLU B 69 15.63 -23.00 37.21
C GLU B 69 15.32 -21.71 37.97
N ARG B 70 16.08 -20.66 37.71
CA ARG B 70 15.93 -19.38 38.41
C ARG B 70 14.79 -18.60 37.79
N VAL B 71 13.74 -18.35 38.58
CA VAL B 71 12.57 -17.60 38.13
C VAL B 71 12.70 -16.16 38.58
N VAL B 72 12.56 -15.24 37.62
CA VAL B 72 12.71 -13.81 37.86
C VAL B 72 11.44 -13.12 37.38
N VAL B 73 10.91 -12.21 38.21
CA VAL B 73 9.70 -11.47 37.88
C VAL B 73 10.05 -10.03 37.58
N LEU B 74 9.70 -9.58 36.37
CA LEU B 74 9.92 -8.21 35.93
C LEU B 74 8.60 -7.46 35.99
N SER B 75 8.61 -6.30 36.65
CA SER B 75 7.46 -5.41 36.68
C SER B 75 7.93 -4.02 36.30
N HIS B 76 7.25 -3.42 35.32
CA HIS B 76 7.64 -2.13 34.78
C HIS B 76 7.16 -0.99 35.68
N GLY B 77 7.52 0.23 35.29
CA GLY B 77 7.24 1.41 36.09
C GLY B 77 6.12 2.26 35.51
N PHE B 78 6.12 3.52 35.95
CA PHE B 78 5.07 4.46 35.58
C PHE B 78 5.11 4.74 34.07
N GLY B 79 3.92 4.83 33.47
CA GLY B 79 3.80 5.17 32.07
C GLY B 79 4.52 4.25 31.13
N THR B 80 4.68 2.98 31.48
CA THR B 80 5.46 2.01 30.72
C THR B 80 4.72 0.68 30.65
N ASP B 81 5.39 -0.34 30.11
CA ASP B 81 4.86 -1.70 30.04
C ASP B 81 6.02 -2.69 30.03
N GLN B 82 5.70 -3.98 29.86
CA GLN B 82 6.71 -5.02 29.99
C GLN B 82 7.72 -5.00 28.84
N SER B 83 7.41 -4.33 27.73
CA SER B 83 8.36 -4.25 26.64
C SER B 83 9.51 -3.28 26.92
N ALA B 84 9.40 -2.48 27.99
CA ALA B 84 10.51 -1.63 28.39
C ALA B 84 11.72 -2.46 28.81
N TRP B 85 11.52 -3.75 29.05
CA TRP B 85 12.58 -4.67 29.38
C TRP B 85 13.13 -5.40 28.16
N SER B 86 12.66 -5.04 26.96
CA SER B 86 13.07 -5.76 25.75
C SER B 86 14.56 -5.59 25.46
N ARG B 87 15.09 -4.38 25.63
CA ARG B 87 16.50 -4.13 25.40
C ARG B 87 17.38 -4.95 26.33
N VAL B 88 16.85 -5.37 27.47
CA VAL B 88 17.60 -6.18 28.42
C VAL B 88 17.05 -7.59 28.56
N LEU B 89 15.95 -7.92 27.90
CA LEU B 89 15.36 -9.25 28.00
C LEU B 89 16.31 -10.38 27.61
N PRO B 90 17.05 -10.32 26.50
CA PRO B 90 17.90 -11.46 26.14
C PRO B 90 18.94 -11.81 27.18
N TYR B 91 19.49 -10.82 27.88
CA TYR B 91 20.64 -11.04 28.75
C TYR B 91 20.38 -12.09 29.82
N LEU B 92 19.13 -12.28 30.23
CA LEU B 92 18.77 -13.21 31.29
C LEU B 92 18.01 -14.42 30.77
N THR B 93 17.55 -14.37 29.52
CA THR B 93 16.80 -15.50 28.96
C THR B 93 17.63 -16.77 28.96
N ARG B 94 18.95 -16.66 28.79
CA ARG B 94 19.80 -17.84 28.85
C ARG B 94 19.77 -18.49 30.22
N ASP B 95 19.86 -17.70 31.29
CA ASP B 95 20.12 -18.24 32.62
C ASP B 95 18.88 -18.31 33.49
N HIS B 96 17.78 -17.70 33.07
CA HIS B 96 16.61 -17.58 33.92
C HIS B 96 15.37 -17.79 33.08
N ARG B 97 14.33 -18.35 33.68
CA ARG B 97 13.02 -18.40 33.04
C ARG B 97 12.30 -17.10 33.35
N VAL B 98 12.11 -16.26 32.33
CA VAL B 98 11.72 -14.87 32.51
C VAL B 98 10.20 -14.74 32.44
N VAL B 99 9.64 -13.95 33.35
CA VAL B 99 8.19 -13.69 33.39
C VAL B 99 7.96 -12.20 33.19
N LEU B 100 7.14 -11.85 32.20
CA LEU B 100 6.76 -10.47 31.93
C LEU B 100 5.25 -10.34 31.89
N TYR B 101 4.74 -9.24 32.43
CA TYR B 101 3.30 -9.00 32.49
C TYR B 101 3.04 -7.51 32.41
N ASP B 102 1.83 -7.17 31.98
CA ASP B 102 1.41 -5.78 31.87
C ASP B 102 0.52 -5.40 33.05
N LEU B 103 0.81 -4.24 33.64
CA LEU B 103 -0.05 -3.73 34.70
C LEU B 103 -1.41 -3.34 34.13
N VAL B 104 -2.43 -3.36 35.00
CA VAL B 104 -3.80 -3.11 34.57
C VAL B 104 -3.97 -1.71 33.99
N CYS B 105 -3.10 -0.77 34.36
CA CYS B 105 -3.20 0.61 33.90
C CYS B 105 -2.60 0.83 32.52
N ALA B 106 -1.84 -0.13 32.00
CA ALA B 106 -1.24 0.04 30.69
C ALA B 106 -2.32 0.11 29.62
N GLY B 107 -2.14 1.01 28.65
CA GLY B 107 -3.07 1.10 27.55
C GLY B 107 -3.17 -0.16 26.72
N SER B 108 -2.16 -1.02 26.79
CA SER B 108 -2.21 -2.34 26.17
C SER B 108 -3.35 -3.19 26.71
N VAL B 109 -3.60 -3.15 28.01
CA VAL B 109 -4.77 -3.79 28.61
C VAL B 109 -5.97 -2.93 28.26
N ASN B 110 -7.13 -3.56 28.13
CA ASN B 110 -8.34 -2.82 27.84
C ASN B 110 -8.55 -1.80 28.95
N PRO B 111 -8.64 -0.50 28.62
CA PRO B 111 -8.92 0.50 29.66
C PRO B 111 -10.24 0.26 30.37
N ASP B 112 -11.15 -0.49 29.77
CA ASP B 112 -12.37 -0.93 30.44
C ASP B 112 -12.08 -1.78 31.66
N HIS B 113 -10.97 -2.52 31.68
CA HIS B 113 -10.63 -3.39 32.78
C HIS B 113 -10.10 -2.64 33.99
N PHE B 114 -9.71 -1.37 33.84
CA PHE B 114 -9.17 -0.61 34.95
C PHE B 114 -10.29 -0.31 35.94
N ASP B 115 -10.28 -1.03 37.05
CA ASP B 115 -11.16 -0.75 38.17
C ASP B 115 -10.54 0.42 38.93
N PHE B 116 -11.13 1.60 38.77
CA PHE B 116 -10.62 2.76 39.52
C PHE B 116 -10.65 2.50 41.01
N ARG B 117 -11.77 1.98 41.53
CA ARG B 117 -11.95 1.95 42.98
C ARG B 117 -11.08 0.89 43.65
N ARG B 118 -10.80 -0.23 42.99
CA ARG B 118 -9.91 -1.19 43.64
C ARG B 118 -8.45 -0.79 43.44
N TYR B 119 -8.13 -0.15 42.32
CA TYR B 119 -6.75 0.18 41.98
C TYR B 119 -6.32 1.56 42.47
N ASP B 120 -7.01 2.09 43.49
CA ASP B 120 -6.56 3.34 44.10
C ASP B 120 -5.43 3.11 45.09
N ASN B 121 -5.08 1.86 45.36
CA ASN B 121 -3.99 1.54 46.26
C ASN B 121 -3.09 0.52 45.58
N LEU B 122 -1.82 0.51 45.97
CA LEU B 122 -0.90 -0.46 45.40
C LEU B 122 -1.28 -1.88 45.77
N ASP B 123 -2.19 -2.04 46.73
CA ASP B 123 -2.60 -3.37 47.18
C ASP B 123 -3.22 -4.18 46.05
N ALA B 124 -4.10 -3.58 45.25
CA ALA B 124 -4.73 -4.33 44.16
C ALA B 124 -3.72 -4.71 43.08
N TYR B 125 -2.71 -3.87 42.86
CA TYR B 125 -1.68 -4.21 41.89
C TYR B 125 -0.81 -5.35 42.39
N VAL B 126 -0.46 -5.33 43.68
CA VAL B 126 0.21 -6.47 44.29
C VAL B 126 -0.66 -7.72 44.16
N ASP B 127 -1.98 -7.55 44.33
CA ASP B 127 -2.89 -8.67 44.18
C ASP B 127 -2.84 -9.25 42.77
N ASP B 128 -2.82 -8.38 41.76
CA ASP B 128 -2.74 -8.87 40.40
C ASP B 128 -1.44 -9.63 40.17
N LEU B 129 -0.33 -9.08 40.66
CA LEU B 129 0.95 -9.76 40.53
C LEU B 129 0.92 -11.13 41.21
N LEU B 130 0.37 -11.19 42.41
CA LEU B 130 0.35 -12.44 43.16
C LEU B 130 -0.57 -13.48 42.51
N ALA B 131 -1.72 -13.04 41.99
CA ALA B 131 -2.61 -13.95 41.28
C ALA B 131 -1.94 -14.50 40.04
N ILE B 132 -1.19 -13.64 39.33
CA ILE B 132 -0.44 -14.10 38.16
C ILE B 132 0.57 -15.16 38.57
N LEU B 133 1.36 -14.89 39.62
CA LEU B 133 2.42 -15.81 40.01
C LEU B 133 1.85 -17.13 40.50
N ASP B 134 0.74 -17.09 41.25
CA ASP B 134 0.08 -18.31 41.67
C ASP B 134 -0.46 -19.08 40.47
N ALA B 135 -1.01 -18.37 39.48
CA ALA B 135 -1.46 -19.03 38.26
C ALA B 135 -0.28 -19.69 37.55
N LEU B 136 0.92 -19.14 37.70
CA LEU B 136 2.13 -19.74 37.15
C LEU B 136 2.79 -20.72 38.10
N ARG B 137 2.09 -21.15 39.15
CA ARG B 137 2.53 -22.20 40.09
C ARG B 137 3.97 -21.98 40.57
N ILE B 138 4.39 -20.73 40.60
CA ILE B 138 5.75 -20.36 41.03
C ILE B 138 5.75 -20.38 42.55
N PRO B 139 6.51 -21.25 43.20
CA PRO B 139 6.56 -21.25 44.67
C PRO B 139 7.64 -20.33 45.19
N ARG B 140 8.54 -19.91 44.30
CA ARG B 140 9.70 -19.11 44.67
C ARG B 140 10.21 -18.38 43.44
N CYS B 141 10.55 -17.11 43.60
CA CYS B 141 11.07 -16.32 42.50
C CYS B 141 11.76 -15.07 43.05
N ALA B 142 12.63 -14.49 42.23
CA ALA B 142 13.15 -13.16 42.50
C ALA B 142 12.30 -12.13 41.77
N PHE B 143 12.33 -10.90 42.26
CA PHE B 143 11.54 -9.82 41.69
C PHE B 143 12.43 -8.62 41.40
N VAL B 144 12.29 -8.06 40.20
CA VAL B 144 12.95 -6.82 39.83
C VAL B 144 11.85 -5.82 39.51
N GLY B 145 11.80 -4.72 40.25
CA GLY B 145 10.76 -3.72 40.11
C GLY B 145 11.34 -2.41 39.63
N HIS B 146 10.52 -1.66 38.89
CA HIS B 146 10.87 -0.33 38.42
C HIS B 146 9.81 0.66 38.91
N SER B 147 10.26 1.72 39.58
CA SER B 147 9.40 2.79 40.08
C SER B 147 8.36 2.20 41.03
N VAL B 148 7.06 2.34 40.78
CA VAL B 148 6.03 1.87 41.70
C VAL B 148 6.06 0.36 41.83
N SER B 149 6.59 -0.33 40.82
CA SER B 149 6.74 -1.77 40.92
C SER B 149 7.63 -2.17 42.08
N ALA B 150 8.57 -1.31 42.46
CA ALA B 150 9.40 -1.59 43.63
C ALA B 150 8.54 -1.58 44.90
N MET B 151 7.65 -0.61 45.04
CA MET B 151 6.73 -0.60 46.16
C MET B 151 5.82 -1.82 46.13
N ILE B 152 5.37 -2.20 44.94
CA ILE B 152 4.53 -3.39 44.78
C ILE B 152 5.27 -4.62 45.29
N GLY B 153 6.53 -4.78 44.88
CA GLY B 153 7.32 -5.91 45.33
C GLY B 153 7.62 -5.87 46.82
N ILE B 154 7.82 -4.67 47.36
CA ILE B 154 8.01 -4.52 48.80
C ILE B 154 6.80 -5.07 49.53
N LEU B 155 5.61 -4.63 49.11
CA LEU B 155 4.38 -5.07 49.76
C LEU B 155 4.17 -6.57 49.58
N ALA B 156 4.53 -7.10 48.40
CA ALA B 156 4.34 -8.52 48.15
C ALA B 156 5.27 -9.38 49.02
N SER B 157 6.56 -9.02 49.07
CA SER B 157 7.51 -9.76 49.90
C SER B 157 7.13 -9.65 51.37
N ILE B 158 6.54 -8.53 51.77
CA ILE B 158 5.95 -8.46 53.10
C ILE B 158 4.81 -9.44 53.23
N ARG B 159 3.93 -9.49 52.23
CA ARG B 159 2.79 -10.40 52.26
C ARG B 159 3.19 -11.84 52.00
N ARG B 160 4.05 -12.07 51.01
CA ARG B 160 4.48 -13.42 50.65
C ARG B 160 5.99 -13.46 50.60
N PRO B 161 6.64 -13.51 51.77
CA PRO B 161 8.09 -13.71 51.79
C PRO B 161 8.52 -15.06 51.23
N ASP B 162 7.63 -16.06 51.19
CA ASP B 162 8.01 -17.37 50.72
C ASP B 162 8.23 -17.41 49.21
N LEU B 163 7.74 -16.39 48.49
CA LEU B 163 7.80 -16.42 47.04
C LEU B 163 8.96 -15.58 46.50
N PHE B 164 9.28 -14.47 47.15
CA PHE B 164 10.26 -13.50 46.64
C PHE B 164 11.61 -13.76 47.29
N ALA B 165 12.42 -14.60 46.65
CA ALA B 165 13.73 -14.92 47.19
C ALA B 165 14.64 -13.72 47.26
N LYS B 166 14.70 -12.91 46.21
CA LYS B 166 15.58 -11.76 46.17
C LYS B 166 14.90 -10.65 45.40
N LEU B 167 15.24 -9.42 45.74
CA LEU B 167 14.62 -8.24 45.14
C LEU B 167 15.68 -7.35 44.54
N VAL B 168 15.44 -6.90 43.30
CA VAL B 168 16.32 -5.96 42.62
C VAL B 168 15.48 -4.72 42.30
N LEU B 169 15.96 -3.57 42.74
CA LEU B 169 15.18 -2.33 42.72
C LEU B 169 15.83 -1.33 41.78
N ILE B 170 15.06 -0.84 40.82
CA ILE B 170 15.50 0.19 39.90
C ILE B 170 14.61 1.40 40.09
N GLY B 171 15.19 2.50 40.58
CA GLY B 171 14.41 3.70 40.83
C GLY B 171 13.33 3.53 41.87
N ALA B 172 13.66 2.96 43.02
CA ALA B 172 12.69 2.64 44.06
C ALA B 172 12.47 3.84 44.99
N SER B 173 11.22 4.02 45.41
CA SER B 173 10.84 5.05 46.36
C SER B 173 9.59 4.64 47.13
N PRO B 174 9.69 4.45 48.45
CA PRO B 174 8.49 4.13 49.23
C PRO B 174 7.56 5.32 49.40
N ARG B 175 8.06 6.53 49.21
CA ARG B 175 7.25 7.75 49.35
C ARG B 175 7.93 8.87 48.59
N PHE B 176 7.13 9.72 47.95
CA PHE B 176 7.68 10.77 47.11
C PHE B 176 7.63 12.13 47.77
N LEU B 177 6.66 12.34 48.66
CA LEU B 177 6.51 13.64 49.31
C LEU B 177 7.58 13.85 50.38
N ASN B 178 8.25 15.00 50.32
CA ASN B 178 9.21 15.34 51.35
C ASN B 178 8.51 15.45 52.70
N ASP B 179 9.22 15.02 53.74
CA ASP B 179 8.66 15.05 55.08
C ASP B 179 9.68 15.66 56.03
N SER B 180 9.33 15.65 57.32
CA SER B 180 10.29 16.01 58.35
C SER B 180 11.38 14.95 58.41
N ASP B 181 12.62 15.39 58.25
CA ASP B 181 13.78 14.50 58.13
C ASP B 181 13.66 13.52 56.98
N TYR B 182 12.88 13.86 55.96
CA TYR B 182 12.66 13.00 54.81
C TYR B 182 12.59 13.83 53.55
N HIS B 183 13.52 13.59 52.62
CA HIS B 183 13.53 14.28 51.34
C HIS B 183 13.12 13.28 50.27
N GLY B 184 11.82 13.23 49.98
CA GLY B 184 11.32 12.41 48.90
C GLY B 184 11.58 13.07 47.57
N GLY B 185 12.14 14.28 47.61
CA GLY B 185 12.49 15.03 46.42
C GLY B 185 11.36 15.87 45.87
N PHE B 186 10.15 15.74 46.41
CA PHE B 186 8.99 16.45 45.92
C PHE B 186 8.24 17.08 47.07
N GLU B 187 7.63 18.23 46.79
CA GLU B 187 6.72 18.87 47.72
C GLU B 187 5.29 18.71 47.21
N LEU B 188 4.33 18.99 48.10
CA LEU B 188 2.93 18.83 47.72
C LEU B 188 2.55 19.77 46.59
N GLU B 189 3.08 21.00 46.62
CA GLU B 189 2.78 21.96 45.56
C GLU B 189 3.27 21.46 44.20
N GLU B 190 4.47 20.88 44.15
CA GLU B 190 4.98 20.36 42.89
C GLU B 190 4.11 19.22 42.36
N ILE B 191 3.68 18.32 43.25
CA ILE B 191 2.84 17.20 42.84
C ILE B 191 1.50 17.71 42.32
N GLN B 192 0.91 18.69 43.01
CA GLN B 192 -0.37 19.22 42.57
C GLN B 192 -0.22 19.98 41.26
N GLN B 193 0.92 20.67 41.07
CA GLN B 193 1.19 21.34 39.80
C GLN B 193 1.31 20.32 38.67
N VAL B 194 1.95 19.18 38.95
CA VAL B 194 2.04 18.12 37.96
C VAL B 194 0.65 17.59 37.61
N PHE B 195 -0.18 17.39 38.64
CA PHE B 195 -1.57 16.99 38.40
C PHE B 195 -2.29 18.00 37.51
N ASP B 196 -2.11 19.29 37.79
CA ASP B 196 -2.79 20.32 37.02
C ASP B 196 -2.28 20.35 35.58
N ALA B 197 -0.96 20.23 35.40
CA ALA B 197 -0.40 20.25 34.06
C ALA B 197 -0.88 19.05 33.25
N MET B 198 -0.98 17.89 33.88
CA MET B 198 -1.44 16.71 33.15
C MET B 198 -2.93 16.76 32.86
N GLY B 199 -3.74 17.17 33.85
CA GLY B 199 -5.17 17.24 33.63
C GLY B 199 -5.56 18.30 32.62
N ALA B 200 -4.97 19.49 32.73
CA ALA B 200 -5.24 20.55 31.77
C ALA B 200 -4.77 20.16 30.38
N ASN B 201 -3.60 19.55 30.28
CA ASN B 201 -3.11 19.03 29.02
C ASN B 201 -2.19 17.83 29.25
N TYR B 202 -2.74 16.63 29.08
CA TYR B 202 -1.91 15.44 29.20
C TYR B 202 -0.82 15.41 28.15
N SER B 203 -1.12 15.87 26.94
CA SER B 203 -0.11 15.91 25.90
C SER B 203 1.03 16.84 26.28
N ALA B 204 0.71 18.06 26.70
CA ALA B 204 1.75 19.02 27.07
C ALA B 204 2.53 18.54 28.28
N TRP B 205 1.85 18.01 29.30
CA TRP B 205 2.55 17.52 30.48
C TRP B 205 3.47 16.37 30.12
N ALA B 206 2.98 15.43 29.30
CA ALA B 206 3.79 14.27 28.94
C ALA B 206 5.01 14.69 28.13
N THR B 207 4.83 15.65 27.22
CA THR B 207 5.97 16.17 26.47
C THR B 207 6.98 16.85 27.38
N GLY B 208 6.51 17.60 28.37
CA GLY B 208 7.42 18.24 29.30
C GLY B 208 8.01 17.29 30.32
N TYR B 209 7.41 16.11 30.49
CA TYR B 209 7.80 15.18 31.54
C TYR B 209 8.74 14.10 31.04
N ALA B 210 8.47 13.53 29.86
CA ALA B 210 9.22 12.38 29.38
C ALA B 210 10.73 12.62 29.29
N PRO B 211 11.23 13.71 28.69
CA PRO B 211 12.67 13.96 28.77
C PRO B 211 13.17 14.18 30.19
N LEU B 212 12.37 14.77 31.07
CA LEU B 212 12.76 14.88 32.46
C LEU B 212 12.91 13.51 33.11
N ALA B 213 11.99 12.59 32.81
CA ALA B 213 12.08 11.26 33.38
C ALA B 213 13.28 10.49 32.83
N VAL B 214 13.48 10.52 31.51
CA VAL B 214 14.58 9.76 30.92
C VAL B 214 15.93 10.39 31.26
N GLY B 215 16.01 11.72 31.29
CA GLY B 215 17.19 12.41 31.75
C GLY B 215 18.34 12.50 30.76
N ALA B 216 19.01 11.38 30.51
CA ALA B 216 20.15 11.37 29.60
C ALA B 216 19.68 11.66 28.17
N ASP B 217 20.57 12.27 27.39
CA ASP B 217 20.22 12.68 26.03
C ASP B 217 20.18 11.46 25.10
N VAL B 218 19.19 10.60 25.30
CA VAL B 218 19.00 9.42 24.46
C VAL B 218 17.62 9.49 23.83
N PRO B 219 17.50 10.03 22.62
CA PRO B 219 16.16 10.22 22.02
C PRO B 219 15.36 8.94 21.83
N ALA B 220 16.03 7.80 21.64
CA ALA B 220 15.29 6.55 21.46
C ALA B 220 14.54 6.17 22.73
N ALA B 221 15.22 6.21 23.87
CA ALA B 221 14.57 5.89 25.15
C ALA B 221 13.46 6.89 25.46
N VAL B 222 13.71 8.18 25.18
CA VAL B 222 12.69 9.19 25.43
C VAL B 222 11.48 8.94 24.55
N GLN B 223 11.70 8.55 23.29
CA GLN B 223 10.61 8.23 22.38
C GLN B 223 9.81 7.03 22.88
N GLU B 224 10.50 5.98 23.34
CA GLU B 224 9.81 4.80 23.85
C GLU B 224 8.97 5.15 25.08
N PHE B 225 9.55 5.90 26.01
CA PHE B 225 8.79 6.31 27.19
C PHE B 225 7.62 7.20 26.82
N SER B 226 7.81 8.08 25.83
CA SER B 226 6.72 8.92 25.37
C SER B 226 5.59 8.09 24.78
N ARG B 227 5.94 7.06 24.00
CA ARG B 227 4.93 6.15 23.45
C ARG B 227 4.14 5.50 24.57
N THR B 228 4.83 4.89 25.53
CA THR B 228 4.13 4.16 26.58
C THR B 228 3.32 5.10 27.46
N LEU B 229 3.87 6.28 27.77
CA LEU B 229 3.17 7.25 28.59
C LEU B 229 1.92 7.77 27.88
N PHE B 230 2.02 8.04 26.59
CA PHE B 230 0.88 8.56 25.85
C PHE B 230 -0.19 7.50 25.64
N ASN B 231 0.19 6.22 25.63
CA ASN B 231 -0.83 5.17 25.55
C ASN B 231 -1.68 5.09 26.80
N MET B 232 -1.27 5.77 27.87
CA MET B 232 -2.05 5.78 29.11
C MET B 232 -3.36 6.53 28.94
N ARG B 233 -4.35 6.19 29.76
CA ARG B 233 -5.62 6.92 29.73
C ARG B 233 -5.61 8.03 30.78
N PRO B 234 -6.02 9.25 30.43
CA PRO B 234 -5.84 10.40 31.35
C PRO B 234 -6.52 10.25 32.71
N ASP B 235 -7.79 9.82 32.74
CA ASP B 235 -8.46 9.66 34.03
C ASP B 235 -7.80 8.55 34.85
N ILE B 236 -7.51 7.42 34.21
CA ILE B 236 -6.79 6.34 34.88
C ILE B 236 -5.44 6.82 35.36
N SER B 237 -4.75 7.60 34.52
CA SER B 237 -3.41 8.07 34.85
C SER B 237 -3.43 8.98 36.07
N LEU B 238 -4.35 9.94 36.10
CA LEU B 238 -4.47 10.81 37.26
C LEU B 238 -4.77 9.99 38.50
N HIS B 239 -5.69 9.03 38.37
CA HIS B 239 -6.04 8.17 39.49
C HIS B 239 -4.82 7.43 40.04
N VAL B 240 -4.06 6.77 39.16
CA VAL B 240 -2.97 5.91 39.64
C VAL B 240 -1.80 6.74 40.12
N CYS B 241 -1.58 7.91 39.52
CA CYS B 241 -0.52 8.79 40.02
C CYS B 241 -0.87 9.28 41.42
N GLN B 242 -2.13 9.62 41.64
CA GLN B 242 -2.61 9.91 42.99
C GLN B 242 -2.41 8.70 43.91
N THR B 243 -2.61 7.51 43.36
CA THR B 243 -2.36 6.28 44.12
C THR B 243 -0.91 6.16 44.55
N VAL B 244 0.02 6.51 43.66
CA VAL B 244 1.43 6.22 43.86
C VAL B 244 2.08 7.27 44.74
N PHE B 245 1.87 8.56 44.41
CA PHE B 245 2.47 9.62 45.20
C PHE B 245 2.06 9.54 46.66
N LYS B 246 0.82 9.12 46.92
CA LYS B 246 0.32 8.99 48.29
C LYS B 246 0.88 7.78 49.00
N THR B 247 1.40 6.80 48.28
CA THR B 247 1.85 5.57 48.91
C THR B 247 3.11 5.84 49.72
N ASP B 248 3.10 5.41 50.98
CA ASP B 248 4.24 5.56 51.88
C ASP B 248 4.54 4.20 52.48
N LEU B 249 5.61 3.57 52.02
CA LEU B 249 6.03 2.27 52.51
C LEU B 249 7.20 2.36 53.47
N ARG B 250 7.51 3.55 53.97
CA ARG B 250 8.65 3.72 54.87
C ARG B 250 8.48 2.90 56.14
N GLY B 251 7.24 2.67 56.57
CA GLY B 251 7.00 1.90 57.77
C GLY B 251 7.06 0.40 57.57
N VAL B 252 7.16 -0.06 56.32
CA VAL B 252 7.11 -1.49 56.03
C VAL B 252 8.37 -2.01 55.37
N LEU B 253 9.36 -1.15 55.11
CA LEU B 253 10.57 -1.63 54.46
C LEU B 253 11.27 -2.68 55.31
N GLY B 254 11.29 -2.48 56.63
CA GLY B 254 11.88 -3.44 57.53
C GLY B 254 11.23 -4.80 57.54
N MET B 255 9.96 -4.88 57.15
CA MET B 255 9.30 -6.18 57.02
C MET B 255 9.77 -6.93 55.78
N VAL B 256 10.28 -6.23 54.77
CA VAL B 256 10.83 -6.89 53.60
C VAL B 256 12.01 -7.75 54.03
N ARG B 257 11.82 -9.07 54.00
CA ARG B 257 12.86 -10.00 54.41
C ARG B 257 13.90 -10.23 53.32
N ALA B 258 13.50 -10.12 52.06
CA ALA B 258 14.33 -10.63 50.98
C ALA B 258 15.56 -9.74 50.77
N PRO B 259 16.68 -10.31 50.37
CA PRO B 259 17.83 -9.48 49.98
C PRO B 259 17.45 -8.54 48.85
N CYS B 260 17.91 -7.31 48.94
CA CYS B 260 17.46 -6.24 48.07
C CYS B 260 18.64 -5.68 47.29
N VAL B 261 18.39 -5.37 46.02
CA VAL B 261 19.39 -4.77 45.14
C VAL B 261 18.82 -3.45 44.63
N VAL B 262 19.43 -2.34 45.05
CA VAL B 262 18.95 -1.02 44.66
C VAL B 262 19.82 -0.52 43.51
N VAL B 263 19.18 -0.15 42.41
CA VAL B 263 19.88 0.44 41.27
C VAL B 263 19.61 1.94 41.28
N GLN B 264 20.67 2.73 41.46
CA GLN B 264 20.59 4.18 41.54
C GLN B 264 21.45 4.79 40.44
N THR B 265 20.91 5.78 39.74
CA THR B 265 21.60 6.41 38.63
C THR B 265 22.39 7.63 39.10
N THR B 266 23.21 8.19 38.20
CA THR B 266 23.99 9.37 38.55
C THR B 266 23.10 10.56 38.86
N ARG B 267 22.05 10.77 38.07
CA ARG B 267 21.13 11.87 38.31
C ARG B 267 19.72 11.39 38.02
N ASP B 268 18.84 11.50 39.02
CA ASP B 268 17.44 11.12 38.88
C ASP B 268 16.59 12.32 39.24
N VAL B 269 15.69 12.71 38.32
CA VAL B 269 14.86 13.89 38.55
C VAL B 269 13.91 13.68 39.73
N SER B 270 13.54 12.43 40.02
CA SER B 270 12.59 12.15 41.08
C SER B 270 13.20 11.44 42.28
N VAL B 271 14.37 10.83 42.12
CA VAL B 271 14.99 10.06 43.21
C VAL B 271 16.27 10.73 43.65
N PRO B 272 16.26 11.47 44.76
CA PRO B 272 17.52 11.92 45.35
C PRO B 272 18.33 10.72 45.84
N ALA B 273 19.66 10.89 45.83
CA ALA B 273 20.53 9.80 46.27
C ALA B 273 20.27 9.44 47.73
N SER B 274 19.72 10.37 48.50
CA SER B 274 19.38 10.08 49.89
C SER B 274 18.28 9.03 49.98
N VAL B 275 17.48 8.89 48.92
CA VAL B 275 16.43 7.87 48.92
C VAL B 275 17.03 6.48 48.88
N ALA B 276 18.10 6.30 48.10
CA ALA B 276 18.80 5.01 48.10
C ALA B 276 19.37 4.70 49.47
N ALA B 277 19.92 5.71 50.13
CA ALA B 277 20.43 5.53 51.49
C ALA B 277 19.31 5.14 52.45
N TYR B 278 18.17 5.80 52.35
CA TYR B 278 17.03 5.44 53.19
C TYR B 278 16.59 4.01 52.93
N LEU B 279 16.56 3.62 51.65
CA LEU B 279 16.11 2.27 51.30
C LEU B 279 17.06 1.22 51.85
N LYS B 280 18.36 1.43 51.68
CA LYS B 280 19.33 0.48 52.22
C LYS B 280 19.30 0.48 53.75
N ALA B 281 18.92 1.60 54.36
CA ALA B 281 18.86 1.66 55.81
C ALA B 281 17.63 0.96 56.37
N HIS B 282 16.45 1.14 55.76
CA HIS B 282 15.21 0.69 56.37
C HIS B 282 14.76 -0.68 55.92
N LEU B 283 15.11 -1.12 54.72
CA LEU B 283 14.66 -2.41 54.23
C LEU B 283 15.19 -3.53 55.12
N GLY B 284 14.29 -4.43 55.54
CA GLY B 284 14.67 -5.49 56.46
C GLY B 284 15.63 -6.50 55.88
N GLY B 285 15.47 -6.83 54.59
CA GLY B 285 16.38 -7.75 53.96
C GLY B 285 17.75 -7.16 53.72
N ARG B 286 18.73 -8.03 53.46
CA ARG B 286 20.07 -7.57 53.19
C ARG B 286 20.07 -6.74 51.91
N THR B 287 20.19 -5.43 52.06
CA THR B 287 19.95 -4.49 50.97
C THR B 287 21.28 -3.91 50.49
N THR B 288 21.48 -3.93 49.19
CA THR B 288 22.65 -3.35 48.55
C THR B 288 22.21 -2.41 47.43
N VAL B 289 23.00 -1.35 47.22
CA VAL B 289 22.69 -0.34 46.22
C VAL B 289 23.76 -0.38 45.14
N GLU B 290 23.32 -0.55 43.90
CA GLU B 290 24.20 -0.51 42.74
C GLU B 290 24.00 0.82 42.02
N PHE B 291 25.11 1.51 41.75
CA PHE B 291 25.06 2.83 41.15
C PHE B 291 25.51 2.75 39.69
N LEU B 292 24.65 3.18 38.77
CA LEU B 292 24.97 3.18 37.36
C LEU B 292 25.61 4.50 36.95
N GLN B 293 26.63 4.43 36.10
CA GLN B 293 27.30 5.62 35.60
C GLN B 293 26.52 6.22 34.43
N THR B 294 25.24 6.47 34.69
CA THR B 294 24.35 7.12 33.75
C THR B 294 23.27 7.83 34.55
N GLU B 295 22.61 8.78 33.89
CA GLU B 295 21.59 9.60 34.54
C GLU B 295 20.22 9.28 33.95
N GLY B 296 19.21 9.31 34.81
CA GLY B 296 17.86 9.07 34.36
C GLY B 296 17.10 8.11 35.27
N HIS B 297 15.84 7.87 34.89
CA HIS B 297 14.95 7.01 35.66
C HIS B 297 14.65 5.67 34.99
N LEU B 298 14.92 5.54 33.70
CA LEU B 298 14.61 4.29 33.00
C LEU B 298 15.85 3.76 32.29
N PRO B 299 16.81 3.22 33.03
CA PRO B 299 18.03 2.68 32.38
C PRO B 299 17.77 1.47 31.50
N HIS B 300 16.63 0.78 31.69
CA HIS B 300 16.30 -0.33 30.81
C HIS B 300 16.08 0.12 29.37
N LEU B 301 15.93 1.42 29.15
CA LEU B 301 15.77 1.99 27.82
C LEU B 301 16.99 2.79 27.40
N SER B 302 17.71 3.38 28.37
CA SER B 302 18.81 4.28 28.05
C SER B 302 20.17 3.59 28.04
N ALA B 303 20.51 2.86 29.10
CA ALA B 303 21.82 2.24 29.19
C ALA B 303 21.64 0.75 29.46
N PRO B 304 21.20 -0.02 28.45
CA PRO B 304 20.93 -1.44 28.69
C PRO B 304 22.16 -2.21 29.11
N SER B 305 23.34 -1.81 28.65
CA SER B 305 24.55 -2.56 28.97
C SER B 305 24.83 -2.57 30.47
N LEU B 306 24.86 -1.39 31.08
CA LEU B 306 25.24 -1.29 32.49
C LEU B 306 24.22 -2.01 33.38
N LEU B 307 22.93 -1.79 33.12
CA LEU B 307 21.90 -2.41 33.93
C LEU B 307 21.87 -3.91 33.73
N ALA B 308 22.12 -4.38 32.50
CA ALA B 308 22.19 -5.81 32.26
C ALA B 308 23.36 -6.44 33.02
N GLN B 309 24.50 -5.74 33.04
CA GLN B 309 25.63 -6.18 33.86
C GLN B 309 25.21 -6.33 35.32
N VAL B 310 24.57 -5.29 35.87
CA VAL B 310 24.18 -5.32 37.28
C VAL B 310 23.22 -6.48 37.53
N LEU B 311 22.24 -6.66 36.66
CA LEU B 311 21.23 -7.69 36.86
C LEU B 311 21.83 -9.08 36.80
N ARG B 312 22.66 -9.34 35.79
CA ARG B 312 23.24 -10.68 35.67
C ARG B 312 24.18 -10.96 36.83
N ARG B 313 24.82 -9.92 37.36
CA ARG B 313 25.58 -10.09 38.59
C ARG B 313 24.65 -10.47 39.74
N ALA B 314 23.49 -9.82 39.82
CA ALA B 314 22.59 -10.06 40.95
C ALA B 314 21.87 -11.39 40.82
N LEU B 315 21.45 -11.76 39.61
CA LEU B 315 20.65 -12.95 39.41
C LEU B 315 21.47 -14.22 39.27
N ALA B 316 22.78 -14.16 39.52
CA ALA B 316 23.59 -15.36 39.45
C ALA B 316 23.12 -16.40 40.47
N ARG B 317 22.87 -15.97 41.71
CA ARG B 317 22.40 -16.86 42.76
C ARG B 317 21.40 -16.13 43.63
N TYR B 318 20.30 -16.81 43.95
CA TYR B 318 19.30 -16.30 44.86
C TYR B 318 18.33 -17.41 45.24
N MET C 1 -12.64 12.52 -73.38
CA MET C 1 -13.32 11.50 -72.58
C MET C 1 -13.99 12.12 -71.36
N ALA C 2 -15.29 11.89 -71.22
CA ALA C 2 -16.03 12.37 -70.07
C ALA C 2 -15.56 11.69 -68.80
N ALA C 3 -15.40 12.47 -67.73
CA ALA C 3 -14.94 11.95 -66.46
C ALA C 3 -15.96 11.02 -65.83
N GLU C 4 -15.61 9.74 -65.67
CA GLU C 4 -16.49 8.76 -65.07
C GLU C 4 -16.61 9.00 -63.57
N ALA C 5 -17.77 9.49 -63.12
CA ALA C 5 -18.02 9.71 -61.70
C ALA C 5 -18.09 8.38 -60.96
N GLU C 6 -17.26 8.21 -59.93
CA GLU C 6 -17.25 6.98 -59.16
C GLU C 6 -18.61 6.75 -58.51
N THR C 7 -19.33 5.74 -58.99
CA THR C 7 -20.69 5.47 -58.53
C THR C 7 -20.64 4.64 -57.25
N LYS C 8 -20.94 5.28 -56.13
CA LYS C 8 -21.04 4.58 -54.85
C LYS C 8 -22.17 3.56 -54.91
N ALA C 9 -21.84 2.28 -54.81
CA ALA C 9 -22.84 1.22 -54.98
C ALA C 9 -23.94 1.37 -53.94
N MET C 10 -25.18 1.35 -54.42
CA MET C 10 -26.34 1.55 -53.55
C MET C 10 -26.91 0.21 -53.15
N ILE C 11 -27.11 0.02 -51.85
CA ILE C 11 -27.74 -1.19 -51.34
C ILE C 11 -29.12 -0.83 -50.83
N THR C 12 -30.12 -1.53 -51.35
CA THR C 12 -31.52 -1.23 -51.05
C THR C 12 -31.95 -1.88 -49.74
N LEU C 13 -32.59 -1.11 -48.88
CA LEU C 13 -32.96 -1.50 -47.53
C LEU C 13 -34.47 -1.40 -47.42
N ARG C 14 -35.13 -2.43 -46.88
CA ARG C 14 -36.58 -2.44 -46.84
C ARG C 14 -36.90 -2.64 -45.36
N SER C 15 -37.42 -1.62 -44.70
CA SER C 15 -37.56 -1.71 -43.25
C SER C 15 -38.65 -2.70 -42.87
N CYS C 16 -39.02 -2.71 -41.59
CA CYS C 16 -40.02 -3.68 -41.12
C CYS C 16 -41.39 -3.42 -41.71
N GLU C 17 -41.81 -2.16 -41.84
CA GLU C 17 -43.15 -1.82 -42.28
C GLU C 17 -43.27 -1.71 -43.80
N GLY C 18 -42.15 -1.80 -44.52
CA GLY C 18 -42.14 -1.69 -45.96
C GLY C 18 -41.44 -0.48 -46.52
N GLN C 19 -40.97 0.44 -45.68
CA GLN C 19 -40.28 1.63 -46.18
C GLN C 19 -38.86 1.29 -46.65
N VAL C 20 -38.44 1.95 -47.74
CA VAL C 20 -37.19 1.67 -48.42
C VAL C 20 -36.21 2.81 -48.19
N PHE C 21 -34.94 2.46 -47.96
CA PHE C 21 -33.86 3.44 -47.81
C PHE C 21 -32.75 3.14 -48.79
N GLU C 22 -32.30 4.16 -49.51
CA GLU C 22 -31.20 4.04 -50.45
C GLU C 22 -29.93 4.55 -49.80
N VAL C 23 -28.94 3.67 -49.64
CA VAL C 23 -27.69 4.02 -48.99
C VAL C 23 -26.54 3.48 -49.84
N ALA C 24 -25.37 4.07 -49.66
CA ALA C 24 -24.18 3.52 -50.29
C ALA C 24 -23.86 2.17 -49.68
N GLU C 25 -23.25 1.30 -50.49
CA GLU C 25 -22.83 -0.01 -49.99
C GLU C 25 -21.79 0.14 -48.88
N ALA C 26 -20.94 1.15 -48.98
CA ALA C 26 -19.98 1.41 -47.91
C ALA C 26 -20.68 1.71 -46.59
N VAL C 27 -21.83 2.37 -46.64
CA VAL C 27 -22.66 2.49 -45.44
C VAL C 27 -23.20 1.12 -45.05
N ALA C 28 -23.73 0.38 -46.02
CA ALA C 28 -24.19 -0.98 -45.78
C ALA C 28 -23.04 -1.91 -45.45
N MET C 29 -21.82 -1.51 -45.81
CA MET C 29 -20.64 -2.30 -45.50
C MET C 29 -20.44 -2.46 -44.00
N GLU C 30 -20.70 -1.40 -43.22
CA GLU C 30 -20.38 -1.46 -41.80
C GLU C 30 -21.11 -2.57 -41.08
N SER C 31 -22.42 -2.67 -41.25
CA SER C 31 -23.21 -3.66 -40.53
C SER C 31 -22.80 -5.04 -41.00
N GLN C 32 -22.27 -5.85 -40.09
CA GLN C 32 -21.70 -7.13 -40.48
C GLN C 32 -22.78 -8.04 -41.07
N THR C 33 -23.96 -8.05 -40.46
CA THR C 33 -25.07 -8.82 -41.01
C THR C 33 -25.42 -8.32 -42.41
N ILE C 34 -25.50 -7.01 -42.59
CA ILE C 34 -25.69 -6.45 -43.92
C ILE C 34 -24.48 -6.73 -44.79
N ARG C 35 -23.29 -6.56 -44.22
CA ARG C 35 -22.05 -6.83 -44.95
C ARG C 35 -22.07 -8.23 -45.53
N HIS C 36 -22.37 -9.23 -44.71
CA HIS C 36 -22.35 -10.62 -45.14
C HIS C 36 -23.29 -10.87 -46.30
N MET C 37 -24.51 -10.34 -46.21
CA MET C 37 -25.49 -10.56 -47.27
C MET C 37 -25.06 -9.87 -48.56
N ILE C 38 -24.29 -8.79 -48.47
CA ILE C 38 -23.82 -8.09 -49.66
C ILE C 38 -23.02 -9.04 -50.53
N GLU C 39 -22.10 -9.78 -49.92
CA GLU C 39 -21.27 -10.71 -50.69
C GLU C 39 -22.06 -11.95 -51.08
N ASP C 40 -23.16 -12.23 -50.39
CA ASP C 40 -24.07 -13.28 -50.79
C ASP C 40 -24.83 -12.95 -52.07
N LYS C 41 -24.73 -11.70 -52.52
CA LYS C 41 -25.33 -11.23 -53.78
C LYS C 41 -26.84 -11.47 -53.79
N CYS C 42 -27.46 -11.39 -52.63
CA CYS C 42 -28.91 -11.38 -52.51
C CYS C 42 -29.45 -9.97 -52.29
N ALA C 43 -28.58 -8.95 -52.42
CA ALA C 43 -28.96 -7.57 -52.21
C ALA C 43 -29.32 -6.85 -53.51
N ASP C 44 -29.41 -7.57 -54.63
CA ASP C 44 -29.80 -6.94 -55.87
C ASP C 44 -31.23 -6.39 -55.81
N THR C 45 -32.14 -7.14 -55.18
CA THR C 45 -33.54 -6.75 -55.09
C THR C 45 -33.88 -5.97 -53.82
N GLY C 46 -32.88 -5.67 -52.97
CA GLY C 46 -33.02 -5.13 -51.62
C GLY C 46 -33.15 -6.20 -50.55
N ILE C 47 -32.75 -5.92 -49.31
CA ILE C 47 -32.76 -6.90 -48.23
C ILE C 47 -33.92 -6.57 -47.29
N PRO C 48 -34.66 -7.56 -46.80
CA PRO C 48 -35.68 -7.26 -45.78
C PRO C 48 -35.08 -6.95 -44.43
N LEU C 49 -35.73 -6.04 -43.69
CA LEU C 49 -35.43 -5.71 -42.30
C LEU C 49 -36.68 -5.81 -41.46
N PRO C 50 -37.22 -7.00 -41.30
CA PRO C 50 -38.50 -7.13 -40.60
C PRO C 50 -38.46 -6.72 -39.15
N ASN C 51 -37.29 -6.52 -38.56
CA ASN C 51 -37.16 -6.15 -37.16
C ASN C 51 -36.69 -4.71 -36.99
N VAL C 52 -36.54 -3.96 -38.08
CA VAL C 52 -36.07 -2.58 -38.01
C VAL C 52 -37.10 -1.67 -38.67
N SER C 53 -37.54 -0.65 -37.95
CA SER C 53 -38.49 0.30 -38.49
C SER C 53 -37.76 1.45 -39.18
N ALA C 54 -38.56 2.34 -39.79
CA ALA C 54 -37.99 3.42 -40.61
C ALA C 54 -37.16 4.39 -39.78
N LYS C 55 -37.66 4.78 -38.60
CA LYS C 55 -36.94 5.77 -37.79
C LYS C 55 -35.60 5.22 -37.31
N ILE C 56 -35.62 4.05 -36.69
CA ILE C 56 -34.37 3.46 -36.21
C ILE C 56 -33.44 3.17 -37.36
N LEU C 57 -33.99 2.75 -38.50
CA LEU C 57 -33.16 2.52 -39.68
C LEU C 57 -32.52 3.81 -40.16
N SER C 58 -33.27 4.91 -40.16
CA SER C 58 -32.72 6.19 -40.60
C SER C 58 -31.61 6.66 -39.66
N LYS C 59 -31.81 6.49 -38.36
CA LYS C 59 -30.77 6.91 -37.42
C LYS C 59 -29.55 6.01 -37.48
N VAL C 60 -29.77 4.71 -37.70
CA VAL C 60 -28.66 3.80 -37.92
C VAL C 60 -27.89 4.18 -39.18
N ILE C 61 -28.62 4.53 -40.24
CA ILE C 61 -28.00 5.01 -41.46
C ILE C 61 -27.20 6.27 -41.19
N GLU C 62 -27.77 7.19 -40.42
CA GLU C 62 -27.07 8.40 -40.03
C GLU C 62 -25.76 8.07 -39.33
N TYR C 63 -25.82 7.20 -38.33
CA TYR C 63 -24.64 6.85 -37.56
C TYR C 63 -23.58 6.20 -38.45
N CYS C 64 -24.01 5.22 -39.25
CA CYS C 64 -23.07 4.48 -40.08
C CYS C 64 -22.44 5.37 -41.14
N SER C 65 -23.23 6.22 -41.78
CA SER C 65 -22.70 7.14 -42.77
C SER C 65 -21.73 8.11 -42.13
N LYS C 66 -22.06 8.60 -40.92
CA LYS C 66 -21.16 9.51 -40.22
C LYS C 66 -19.82 8.83 -39.91
N HIS C 67 -19.87 7.58 -39.46
CA HIS C 67 -18.64 6.89 -39.09
C HIS C 67 -17.82 6.51 -40.32
N VAL C 68 -18.49 6.14 -41.41
CA VAL C 68 -17.79 5.89 -42.67
C VAL C 68 -17.13 7.16 -43.18
N GLU C 69 -17.83 8.29 -43.06
CA GLU C 69 -17.28 9.57 -43.47
C GLU C 69 -16.07 9.93 -42.62
N ALA C 70 -16.14 9.66 -41.31
CA ALA C 70 -14.99 9.90 -40.44
C ALA C 70 -13.82 9.01 -40.84
N ARG C 71 -14.07 7.74 -41.14
CA ARG C 71 -13.01 6.84 -41.60
C ARG C 71 -12.36 7.36 -42.87
N GLY C 72 -13.18 7.79 -43.84
CA GLY C 72 -12.63 8.31 -45.09
C GLY C 72 -11.84 9.58 -44.89
N GLY C 73 -12.33 10.49 -44.04
CA GLY C 73 -11.64 11.75 -43.82
C GLY C 73 -10.43 11.67 -42.93
N ALA C 74 -10.30 10.59 -42.15
CA ALA C 74 -9.10 10.40 -41.36
C ALA C 74 -7.89 10.29 -42.28
N ALA C 75 -6.83 11.04 -41.96
CA ALA C 75 -5.62 11.02 -42.77
C ALA C 75 -4.96 9.66 -42.70
N ALA C 76 -5.06 8.89 -43.78
CA ALA C 76 -4.48 7.56 -43.80
C ALA C 76 -2.96 7.63 -43.75
N ALA C 77 -2.35 6.73 -43.00
CA ALA C 77 -0.90 6.68 -42.86
C ALA C 77 -0.23 6.33 -44.19
N ALA C 78 0.93 6.91 -44.45
CA ALA C 78 1.60 6.70 -45.72
C ALA C 78 2.47 5.45 -45.68
N ASP C 79 1.84 4.29 -45.83
CA ASP C 79 2.52 3.02 -46.02
C ASP C 79 3.62 2.74 -45.01
N GLY C 80 3.26 2.65 -43.73
CA GLY C 80 4.20 2.26 -42.70
C GLY C 80 4.92 3.40 -41.99
N ASP C 81 4.77 4.63 -42.44
CA ASP C 81 5.37 5.76 -41.75
C ASP C 81 4.36 6.41 -40.81
N ALA C 82 4.83 6.81 -39.63
CA ALA C 82 3.97 7.48 -38.67
C ALA C 82 3.47 8.79 -39.28
N PRO C 83 2.22 9.18 -39.04
CA PRO C 83 1.71 10.41 -39.63
C PRO C 83 2.49 11.62 -39.16
N ALA C 84 2.58 12.63 -40.03
CA ALA C 84 3.27 13.86 -39.72
C ALA C 84 2.53 14.57 -38.60
N PRO C 85 3.18 15.46 -37.84
CA PRO C 85 2.47 16.14 -36.74
C PRO C 85 1.21 16.84 -37.19
N ALA C 86 1.18 17.39 -38.41
CA ALA C 86 -0.06 17.95 -38.95
C ALA C 86 -1.11 16.87 -39.16
N ALA C 87 -0.71 15.71 -39.68
CA ALA C 87 -1.67 14.63 -39.92
C ALA C 87 -2.26 14.10 -38.64
N VAL C 88 -1.45 14.02 -37.58
CA VAL C 88 -1.96 13.58 -36.28
C VAL C 88 -3.03 14.54 -35.77
N GLU C 89 -2.80 15.84 -35.93
CA GLU C 89 -3.76 16.83 -35.46
C GLU C 89 -5.06 16.73 -36.24
N ALA C 90 -4.97 16.45 -37.55
CA ALA C 90 -6.17 16.33 -38.38
C ALA C 90 -7.03 15.14 -37.95
N ASN C 91 -6.38 14.00 -37.67
CA ASN C 91 -7.13 12.81 -37.28
C ASN C 91 -7.69 12.94 -35.87
N LYS C 92 -6.97 13.63 -34.98
CA LYS C 92 -7.46 13.83 -33.63
C LYS C 92 -8.75 14.65 -33.63
N ALA C 93 -8.86 15.63 -34.55
CA ALA C 93 -10.07 16.41 -34.65
C ALA C 93 -11.25 15.58 -35.13
N VAL C 94 -11.02 14.70 -36.12
CA VAL C 94 -12.11 13.89 -36.66
C VAL C 94 -12.67 12.97 -35.59
N GLU C 95 -11.79 12.35 -34.80
CA GLU C 95 -12.25 11.53 -33.69
C GLU C 95 -13.07 12.34 -32.70
N ASP C 96 -12.56 13.51 -32.32
CA ASP C 96 -13.29 14.37 -31.40
C ASP C 96 -14.64 14.77 -31.98
N GLU C 97 -14.67 15.06 -33.28
CA GLU C 97 -15.93 15.35 -33.94
C GLU C 97 -16.85 14.13 -33.93
N LEU C 98 -16.30 12.96 -34.26
CA LEU C 98 -17.12 11.75 -34.29
C LEU C 98 -17.59 11.37 -32.90
N LYS C 99 -16.72 11.50 -31.90
CA LYS C 99 -17.13 11.22 -30.52
C LYS C 99 -18.21 12.20 -30.06
N THR C 100 -18.05 13.47 -30.41
CA THR C 100 -19.09 14.45 -30.10
C THR C 100 -20.39 14.10 -30.83
N PHE C 101 -20.27 13.67 -32.08
CA PHE C 101 -21.45 13.21 -32.81
C PHE C 101 -22.12 12.06 -32.06
N ASP C 102 -21.32 11.21 -31.43
CA ASP C 102 -21.84 10.03 -30.76
C ASP C 102 -22.62 10.38 -29.50
N ALA C 103 -22.12 11.35 -28.72
CA ALA C 103 -22.72 11.63 -27.42
C ALA C 103 -24.16 12.11 -27.55
N GLU C 104 -24.40 13.08 -28.43
CA GLU C 104 -25.78 13.52 -28.66
C GLU C 104 -26.55 12.50 -29.48
N PHE C 105 -25.84 11.63 -30.21
CA PHE C 105 -26.55 10.60 -30.98
C PHE C 105 -27.32 9.67 -30.05
N VAL C 106 -26.73 9.30 -28.92
CA VAL C 106 -27.43 8.49 -27.92
C VAL C 106 -28.21 9.34 -26.93
N LYS C 107 -28.17 10.66 -27.05
CA LYS C 107 -29.01 11.52 -26.21
C LYS C 107 -30.46 11.48 -26.71
N VAL C 108 -31.04 10.27 -26.64
CA VAL C 108 -32.41 10.03 -27.07
C VAL C 108 -33.17 9.42 -25.89
N ASP C 109 -34.48 9.26 -26.08
CA ASP C 109 -35.28 8.63 -25.05
C ASP C 109 -34.83 7.19 -24.83
N GLN C 110 -35.17 6.65 -23.67
CA GLN C 110 -34.76 5.29 -23.33
C GLN C 110 -35.24 4.30 -24.38
N SER C 111 -36.51 4.38 -24.77
CA SER C 111 -37.06 3.44 -25.75
C SER C 111 -36.28 3.51 -27.05
N THR C 112 -36.08 4.72 -27.59
CA THR C 112 -35.29 4.88 -28.80
C THR C 112 -33.86 4.42 -28.56
N LEU C 113 -33.27 4.81 -27.44
CA LEU C 113 -31.93 4.34 -27.11
C LEU C 113 -31.93 2.83 -26.89
N PHE C 114 -32.95 2.30 -26.22
CA PHE C 114 -33.11 0.86 -26.15
C PHE C 114 -33.27 0.26 -27.54
N ASP C 115 -34.07 0.92 -28.39
CA ASP C 115 -34.22 0.49 -29.77
C ASP C 115 -32.89 0.61 -30.51
N LEU C 116 -32.11 1.66 -30.20
CA LEU C 116 -30.79 1.80 -30.79
C LEU C 116 -29.90 0.63 -30.39
N ILE C 117 -30.07 0.11 -29.17
CA ILE C 117 -29.26 -1.01 -28.71
C ILE C 117 -29.57 -2.27 -29.51
N LEU C 118 -30.87 -2.56 -29.69
CA LEU C 118 -31.26 -3.80 -30.37
C LEU C 118 -30.78 -3.81 -31.82
N ALA C 119 -31.01 -2.72 -32.56
CA ALA C 119 -30.75 -2.73 -33.98
C ALA C 119 -29.27 -2.97 -34.28
N ALA C 120 -28.38 -2.29 -33.55
CA ALA C 120 -26.95 -2.47 -33.78
C ALA C 120 -26.52 -3.90 -33.54
N ASN C 121 -27.15 -4.58 -32.59
CA ASN C 121 -26.90 -6.01 -32.41
C ASN C 121 -27.42 -6.81 -33.59
N TYR C 122 -28.68 -6.59 -33.97
CA TYR C 122 -29.24 -7.33 -35.12
C TYR C 122 -28.46 -7.00 -36.38
N LEU C 123 -28.06 -5.74 -36.55
CA LEU C 123 -27.23 -5.34 -37.68
C LEU C 123 -25.75 -5.62 -37.45
N ASN C 124 -25.38 -6.07 -36.26
CA ASN C 124 -23.99 -6.37 -35.93
C ASN C 124 -23.11 -5.15 -36.17
N ILE C 125 -23.63 -3.99 -35.78
CA ILE C 125 -22.86 -2.76 -35.82
C ILE C 125 -22.29 -2.54 -34.43
N LYS C 126 -21.06 -2.99 -34.22
CA LYS C 126 -20.49 -2.97 -32.88
C LYS C 126 -20.30 -1.54 -32.40
N GLY C 127 -19.83 -0.65 -33.28
CA GLY C 127 -19.62 0.73 -32.89
C GLY C 127 -20.89 1.38 -32.40
N LEU C 128 -21.98 1.22 -33.15
CA LEU C 128 -23.28 1.72 -32.68
C LEU C 128 -23.74 0.98 -31.43
N LEU C 129 -23.53 -0.34 -31.39
CA LEU C 129 -23.90 -1.11 -30.23
C LEU C 129 -23.18 -0.60 -28.99
N ASP C 130 -21.85 -0.51 -29.08
CA ASP C 130 -21.04 -0.13 -27.93
C ASP C 130 -21.35 1.28 -27.47
N LEU C 131 -21.54 2.20 -28.41
CA LEU C 131 -21.92 3.56 -28.05
C LEU C 131 -23.23 3.58 -27.29
N THR C 132 -24.22 2.82 -27.76
CA THR C 132 -25.49 2.75 -27.06
C THR C 132 -25.38 1.89 -25.80
N CYS C 133 -24.57 0.82 -25.85
CA CYS C 133 -24.42 -0.05 -24.68
C CYS C 133 -23.76 0.69 -23.52
N GLN C 134 -22.71 1.44 -23.81
CA GLN C 134 -22.04 2.20 -22.74
C GLN C 134 -22.86 3.42 -22.34
N THR C 135 -23.70 3.93 -23.26
CA THR C 135 -24.56 5.05 -22.90
C THR C 135 -25.45 4.70 -21.72
N VAL C 136 -26.02 3.50 -21.73
CA VAL C 136 -26.84 3.07 -20.60
C VAL C 136 -25.97 2.92 -19.35
N ALA C 137 -24.73 2.47 -19.52
CA ALA C 137 -23.85 2.30 -18.37
C ALA C 137 -23.56 3.62 -17.69
N ASP C 138 -23.35 4.68 -18.47
CA ASP C 138 -23.13 6.00 -17.86
C ASP C 138 -24.39 6.53 -17.17
N MET C 139 -25.56 6.34 -17.77
CA MET C 139 -26.77 6.84 -17.13
C MET C 139 -27.20 5.98 -15.96
N ILE C 140 -26.59 4.82 -15.78
CA ILE C 140 -26.72 4.09 -14.53
C ILE C 140 -25.63 4.52 -13.55
N LYS C 141 -24.52 5.04 -14.06
CA LYS C 141 -23.39 5.43 -13.21
C LYS C 141 -23.80 6.50 -12.20
N GLY C 142 -23.34 6.32 -10.96
CA GLY C 142 -23.58 7.29 -9.90
C GLY C 142 -24.94 7.22 -9.24
N LYS C 143 -25.67 6.11 -9.39
CA LYS C 143 -27.03 6.02 -8.87
C LYS C 143 -27.20 4.82 -7.95
N THR C 144 -28.10 4.98 -6.98
CA THR C 144 -28.50 3.87 -6.13
C THR C 144 -29.58 3.06 -6.84
N PRO C 145 -29.72 1.77 -6.48
CA PRO C 145 -30.72 0.93 -7.17
C PRO C 145 -32.12 1.48 -7.14
N GLU C 146 -32.43 2.33 -6.16
CA GLU C 146 -33.79 2.86 -6.07
C GLU C 146 -34.10 3.83 -7.20
N GLU C 147 -33.38 4.95 -7.30
CA GLU C 147 -33.67 5.89 -8.38
C GLU C 147 -33.36 5.27 -9.73
N ILE C 148 -32.49 4.27 -9.76
CA ILE C 148 -32.36 3.43 -10.95
C ILE C 148 -33.71 2.78 -11.28
N ARG C 149 -34.39 2.27 -10.26
CA ARG C 149 -35.69 1.64 -10.47
C ARG C 149 -36.70 2.63 -11.03
N LYS C 150 -36.71 3.85 -10.51
CA LYS C 150 -37.59 4.86 -11.08
C LYS C 150 -37.12 5.30 -12.45
N THR C 151 -35.80 5.39 -12.64
CA THR C 151 -35.26 5.88 -13.91
C THR C 151 -35.67 4.98 -15.07
N PHE C 152 -35.60 3.67 -14.87
CA PHE C 152 -36.11 2.71 -15.82
C PHE C 152 -37.57 2.36 -15.57
N ASN C 153 -38.22 3.04 -14.62
CA ASN C 153 -39.59 2.74 -14.21
C ASN C 153 -39.70 1.30 -13.73
N ILE C 154 -38.65 0.84 -13.06
CA ILE C 154 -38.61 -0.51 -12.49
C ILE C 154 -39.27 -0.47 -11.13
N LYS C 155 -40.20 -1.39 -10.90
CA LYS C 155 -40.76 -1.56 -9.56
C LYS C 155 -39.79 -2.37 -8.72
N ASN C 156 -39.49 -1.88 -7.51
CA ASN C 156 -38.58 -2.60 -6.64
C ASN C 156 -39.21 -3.91 -6.19
N ASP C 157 -38.59 -5.02 -6.59
CA ASP C 157 -39.14 -6.35 -6.41
C ASP C 157 -38.62 -7.08 -5.17
N PHE C 158 -37.82 -6.42 -4.35
CA PHE C 158 -37.19 -7.09 -3.22
C PHE C 158 -38.02 -6.92 -1.95
N THR C 159 -38.31 -8.02 -1.28
CA THR C 159 -38.95 -7.93 0.03
C THR C 159 -37.97 -7.31 1.03
N PRO C 160 -38.46 -6.61 2.04
CA PRO C 160 -37.55 -5.89 2.95
C PRO C 160 -36.51 -6.78 3.59
N GLU C 161 -36.88 -8.01 3.96
CA GLU C 161 -35.91 -8.94 4.51
C GLU C 161 -34.90 -9.39 3.46
N GLU C 162 -35.36 -9.56 2.21
CA GLU C 162 -34.41 -9.86 1.15
C GLU C 162 -33.54 -8.65 0.82
N GLU C 163 -34.15 -7.48 0.63
CA GLU C 163 -33.37 -6.31 0.22
C GLU C 163 -32.40 -5.88 1.31
N GLU C 164 -32.81 -6.01 2.57
CA GLU C 164 -31.88 -5.81 3.68
C GLU C 164 -30.69 -6.76 3.59
N GLU C 165 -30.99 -8.06 3.44
CA GLU C 165 -29.93 -9.06 3.44
C GLU C 165 -28.95 -8.82 2.28
N VAL C 166 -29.49 -8.56 1.09
CA VAL C 166 -28.65 -8.40 -0.09
C VAL C 166 -27.82 -7.12 0.02
N ARG C 167 -28.38 -6.06 0.60
CA ARG C 167 -27.65 -4.80 0.72
C ARG C 167 -26.41 -4.96 1.59
N ARG C 168 -26.54 -5.67 2.71
CA ARG C 168 -25.40 -5.86 3.60
C ARG C 168 -24.40 -6.85 3.04
N GLU C 169 -24.88 -7.89 2.36
CA GLU C 169 -23.98 -8.83 1.70
C GLU C 169 -23.08 -8.12 0.70
N ASN C 170 -23.63 -7.12 0.02
CA ASN C 170 -22.90 -6.36 -1.00
C ASN C 170 -22.42 -5.02 -0.48
N GLN C 171 -22.02 -4.96 0.78
CA GLN C 171 -21.62 -3.68 1.36
C GLN C 171 -20.34 -3.15 0.74
N TRP C 172 -19.48 -4.04 0.25
CA TRP C 172 -18.26 -3.59 -0.42
C TRP C 172 -18.53 -2.99 -1.80
N ALA C 173 -19.79 -2.75 -2.16
CA ALA C 173 -20.10 -2.11 -3.42
C ALA C 173 -19.91 -0.60 -3.39
N PHE C 174 -20.69 0.10 -2.56
CA PHE C 174 -20.68 1.54 -2.47
C PHE C 174 -19.43 2.09 -1.82
N GLU C 175 -18.61 1.23 -1.20
CA GLU C 175 -17.47 1.70 -0.44
C GLU C 175 -16.20 0.93 -0.80
#